data_3SDT
#
_entry.id   3SDT
#
_cell.length_a   156.492
_cell.length_b   54.406
_cell.length_c   126.511
_cell.angle_alpha   90.00
_cell.angle_beta   119.37
_cell.angle_gamma   90.00
#
_symmetry.space_group_name_H-M   'C 1 2 1'
#
loop_
_entity.id
_entity.type
_entity.pdbx_description
1 polymer 'Alpha-bisabolene synthase'
2 non-polymer 'CHLORIDE ION'
3 non-polymer 'MAGNESIUM ION'
4 non-polymer 4-AMINO-1-HYDROXYBUTANE-1,1-DIYLDIPHOSPHONATE
5 non-polymer GLYCEROL
6 water water
#
_entity_poly.entity_id   1
_entity_poly.type   'polypeptide(L)'
_entity_poly.pdbx_seq_one_letter_code
;MAGVSAVSKVSSLVCDLSSTSGLIRRTANPHPNVWGYDLVHSLKSPYIDSSYRERAEVLVSEIKAMLNPAITGDGESMIT
PSAYDTAWVARVPAIDGSARPQFPQTVDWILKNQLKDGSWGIQSHFLLSDRLLATLSCVLVLLKWNVGDLQVEQGIEFIK
SNLELVKDETDQDSLVTDFEIIFPSLLREAQSLRLGLPYDLPYIHLLQTKRQERLAKLSREEIYAVPSPLLYSLEGIQDI
VEWERIMEVQSQDGSFLSSPASTACVFMHTGDAKCLEFLNSVMIKFGNFVPCLYPVDLLERLLIVDNIVRLGIYRHFEKE
IKEALDYVYRHWNERGIGWGRLNPIADLETTALGFRLLRLHRYNVSPAIFDNFKDANGKFICSTGQFNKDVASMLNLYRA
SQLAFPGENILDEAKSFATKYLREALEKSETSSAWNNKQNLSQEIKYALKTSWHASVPRVEAKRYCQVYRPDYARIAKCV
YKLPYVNNEKFLELGKLDFNIIQSIHQEEMKNVTSWFRDSGLPLFTFARERPLEFYFLVAAGTYEPQYAKCRFLFTKVAC
LQTVLDDMYDTYGTLDELKLFTEAVRRWDLSFTENLPDYMKLCYQIYYDIVHEVAWEAEKEQGRELVSFFRKGWEDYLLG
YYEEAEWLAAEYVPTLDEYIKNGITSIGQRILLLSGVLIMDGQLLSQEALEKVDYPGRRVLTELNSLISRLADDTKTYKA
EKARGELASSIECYMKDHPECTEEEALDHIYSILEPAVKELTREFLKPDDVPFACKKMLFEETRVTMVIFKDGDGFGVSK
LEVKDHIKECLIEPLPL
;
_entity_poly.pdbx_strand_id   A
#
loop_
_chem_comp.id
_chem_comp.type
_chem_comp.name
_chem_comp.formula
AHD non-polymer 4-AMINO-1-HYDROXYBUTANE-1,1-DIYLDIPHOSPHONATE 'C4 H9 N O7 P2 -4'
CL non-polymer 'CHLORIDE ION' 'Cl -1'
GOL non-polymer GLYCEROL 'C3 H8 O3'
MG non-polymer 'MAGNESIUM ION' 'Mg 2'
#
# COMPACT_ATOMS: atom_id res chain seq x y z
N TRP A 35 11.49 31.07 3.79
CA TRP A 35 10.36 30.41 4.44
C TRP A 35 9.20 31.37 4.69
N GLY A 36 8.11 30.86 5.24
CA GLY A 36 6.96 31.67 5.57
C GLY A 36 6.38 32.45 4.39
N TYR A 37 6.12 33.74 4.63
CA TYR A 37 5.44 34.59 3.65
C TYR A 37 6.20 34.72 2.34
N ASP A 38 7.47 35.11 2.43
CA ASP A 38 8.28 35.40 1.25
C ASP A 38 8.46 34.19 0.34
N LEU A 39 8.79 33.04 0.93
CA LEU A 39 8.93 31.81 0.14
C LEU A 39 7.63 31.49 -0.59
N VAL A 40 6.54 31.45 0.16
CA VAL A 40 5.27 30.99 -0.40
C VAL A 40 4.76 31.93 -1.50
N HIS A 41 4.90 33.23 -1.30
CA HIS A 41 4.41 34.18 -2.29
C HIS A 41 5.31 34.26 -3.54
N SER A 42 6.50 33.67 -3.45
CA SER A 42 7.40 33.59 -4.60
C SER A 42 7.00 32.44 -5.54
N LEU A 43 6.19 31.53 -5.04
CA LEU A 43 5.73 30.39 -5.85
C LEU A 43 4.74 30.83 -6.92
N LYS A 44 4.96 30.38 -8.15
CA LYS A 44 4.07 30.66 -9.27
C LYS A 44 3.85 29.38 -10.06
N SER A 45 2.94 28.53 -9.62
CA SER A 45 2.73 27.26 -10.31
C SER A 45 1.76 27.36 -11.48
N PRO A 46 2.18 26.87 -12.65
CA PRO A 46 1.34 26.91 -13.85
C PRO A 46 0.16 25.95 -13.74
N TYR A 47 0.26 24.94 -12.87
CA TYR A 47 -0.73 23.86 -12.81
C TYR A 47 -2.08 24.27 -12.23
N ILE A 48 -2.17 25.52 -11.80
CA ILE A 48 -3.42 26.07 -11.29
C ILE A 48 -4.42 26.39 -12.43
N ASP A 49 -3.92 26.62 -13.63
CA ASP A 49 -4.79 26.96 -14.77
C ASP A 49 -5.79 25.83 -15.02
N SER A 50 -7.05 26.21 -15.30
CA SER A 50 -8.10 25.21 -15.47
C SER A 50 -7.81 24.18 -16.56
N SER A 51 -7.01 24.57 -17.55
CA SER A 51 -6.66 23.65 -18.65
C SER A 51 -5.97 22.37 -18.18
N TYR A 52 -5.20 22.46 -17.10
CA TYR A 52 -4.57 21.25 -16.56
C TYR A 52 -5.58 20.29 -15.95
N ARG A 53 -6.53 20.81 -15.18
CA ARG A 53 -7.58 19.95 -14.65
C ARG A 53 -8.42 19.37 -15.78
N GLU A 54 -8.71 20.16 -16.80
CA GLU A 54 -9.44 19.62 -17.96
C GLU A 54 -8.68 18.47 -18.64
N ARG A 55 -7.37 18.61 -18.75
CA ARG A 55 -6.53 17.54 -19.29
C ARG A 55 -6.58 16.30 -18.40
N ALA A 56 -6.51 16.49 -17.09
CA ALA A 56 -6.59 15.38 -16.16
C ALA A 56 -7.92 14.66 -16.30
N GLU A 57 -8.99 15.39 -16.56
CA GLU A 57 -10.30 14.78 -16.73
C GLU A 57 -10.36 13.92 -18.00
N VAL A 58 -9.65 14.34 -19.04
CA VAL A 58 -9.56 13.51 -20.24
C VAL A 58 -8.85 12.21 -19.88
N LEU A 59 -7.76 12.31 -19.13
CA LEU A 59 -7.02 11.11 -18.71
C LEU A 59 -7.90 10.17 -17.89
N VAL A 60 -8.70 10.73 -17.00
CA VAL A 60 -9.62 9.94 -16.19
C VAL A 60 -10.61 9.18 -17.08
N SER A 61 -11.18 9.86 -18.07
CA SER A 61 -12.10 9.18 -18.98
CA SER A 61 -12.10 9.19 -19.01
C SER A 61 -11.39 8.10 -19.82
N GLU A 62 -10.17 8.37 -20.24
CA GLU A 62 -9.44 7.37 -21.02
C GLU A 62 -9.15 6.12 -20.19
N ILE A 63 -8.79 6.34 -18.92
CA ILE A 63 -8.51 5.22 -18.03
C ILE A 63 -9.76 4.41 -17.72
N LYS A 64 -10.88 5.09 -17.48
CA LYS A 64 -12.14 4.39 -17.27
CA LYS A 64 -12.15 4.39 -17.28
C LYS A 64 -12.49 3.54 -18.49
N ALA A 65 -12.25 4.07 -19.68
CA ALA A 65 -12.54 3.30 -20.89
C ALA A 65 -11.60 2.10 -20.97
N MET A 66 -10.34 2.31 -20.63
CA MET A 66 -9.34 1.27 -20.73
C MET A 66 -9.62 0.11 -19.77
N LEU A 67 -10.12 0.45 -18.58
CA LEU A 67 -10.34 -0.55 -17.53
C LEU A 67 -11.69 -1.25 -17.68
N ASN A 68 -12.58 -0.69 -18.48
CA ASN A 68 -13.95 -1.18 -18.51
C ASN A 68 -14.08 -2.68 -18.84
N PRO A 69 -13.34 -3.17 -19.86
CA PRO A 69 -13.40 -4.60 -20.20
C PRO A 69 -12.96 -5.48 -19.04
N ALA A 70 -11.97 -5.02 -18.27
CA ALA A 70 -11.45 -5.79 -17.14
C ALA A 70 -12.44 -5.87 -15.99
N ILE A 71 -13.15 -4.78 -15.74
CA ILE A 71 -13.98 -4.64 -14.56
C ILE A 71 -15.46 -4.96 -14.81
N THR A 72 -15.96 -4.53 -15.97
CA THR A 72 -17.38 -4.61 -16.30
C THR A 72 -17.66 -5.57 -17.45
N GLY A 73 -16.73 -5.70 -18.38
CA GLY A 73 -16.92 -6.54 -19.54
C GLY A 73 -16.36 -7.95 -19.43
N ASP A 74 -15.82 -8.45 -20.54
CA ASP A 74 -15.28 -9.80 -20.61
C ASP A 74 -13.81 -9.79 -21.05
N GLY A 75 -13.23 -8.61 -21.10
CA GLY A 75 -11.83 -8.45 -21.47
C GLY A 75 -10.90 -8.61 -20.29
N GLU A 76 -11.34 -9.36 -19.28
CA GLU A 76 -10.54 -9.61 -18.09
C GLU A 76 -9.25 -10.34 -18.47
N SER A 77 -8.32 -10.41 -17.52
CA SER A 77 -7.03 -11.08 -17.71
C SER A 77 -6.33 -10.68 -19.00
N MET A 78 -5.92 -9.42 -19.08
CA MET A 78 -5.05 -8.95 -20.16
C MET A 78 -3.59 -9.24 -19.80
N ILE A 79 -3.04 -10.27 -20.42
CA ILE A 79 -1.73 -10.78 -20.08
C ILE A 79 -1.01 -11.16 -21.38
N THR A 80 0.30 -10.94 -21.43
CA THR A 80 1.13 -11.16 -22.62
C THR A 80 1.32 -12.66 -22.97
N PRO A 81 1.74 -12.93 -24.21
CA PRO A 81 1.92 -14.35 -24.62
C PRO A 81 3.04 -15.03 -23.87
N SER A 82 2.89 -16.33 -23.64
CA SER A 82 3.96 -17.17 -23.14
C SER A 82 4.40 -18.10 -24.26
N ALA A 83 5.57 -17.85 -24.82
CA ALA A 83 6.06 -18.74 -25.87
C ALA A 83 6.22 -20.15 -25.32
N TYR A 84 6.68 -20.25 -24.06
CA TYR A 84 6.86 -21.55 -23.44
C TYR A 84 5.57 -22.36 -23.43
N ASP A 85 4.48 -21.75 -22.96
CA ASP A 85 3.19 -22.43 -22.85
C ASP A 85 2.56 -22.64 -24.22
N THR A 86 2.74 -21.67 -25.09
CA THR A 86 2.21 -21.78 -26.44
C THR A 86 2.80 -23.02 -27.13
N ALA A 87 4.07 -23.29 -26.87
CA ALA A 87 4.73 -24.46 -27.47
C ALA A 87 4.16 -25.78 -26.93
N TRP A 88 3.83 -25.80 -25.64
CA TRP A 88 3.21 -26.99 -25.07
C TRP A 88 1.82 -27.23 -25.67
N VAL A 89 1.07 -26.16 -25.89
CA VAL A 89 -0.25 -26.29 -26.48
C VAL A 89 -0.09 -26.76 -27.93
N ALA A 90 0.94 -26.22 -28.60
CA ALA A 90 1.25 -26.62 -29.99
C ALA A 90 1.57 -28.11 -30.11
N ARG A 91 1.94 -28.74 -29.01
CA ARG A 91 2.28 -30.15 -29.03
C ARG A 91 1.05 -31.04 -29.21
N VAL A 92 -0.11 -30.56 -28.76
CA VAL A 92 -1.29 -31.42 -28.74
C VAL A 92 -1.66 -31.88 -30.15
N PRO A 93 -1.73 -33.22 -30.36
CA PRO A 93 -2.07 -33.71 -31.70
C PRO A 93 -3.57 -33.60 -32.00
N ALA A 94 -3.91 -33.50 -33.29
CA ALA A 94 -5.30 -33.40 -33.69
C ALA A 94 -6.12 -34.53 -33.09
N ILE A 95 -7.23 -34.20 -32.45
CA ILE A 95 -8.09 -35.21 -31.85
C ILE A 95 -8.76 -36.13 -32.89
N ASP A 96 -8.69 -35.73 -34.15
CA ASP A 96 -9.26 -36.56 -35.21
C ASP A 96 -8.28 -37.64 -35.64
N GLY A 97 -7.11 -37.66 -35.00
CA GLY A 97 -6.12 -38.70 -35.24
C GLY A 97 -5.19 -38.44 -36.41
N SER A 98 -5.39 -37.33 -37.12
CA SER A 98 -4.52 -36.97 -38.23
C SER A 98 -3.16 -36.50 -37.72
N ALA A 99 -2.16 -36.49 -38.59
CA ALA A 99 -0.79 -36.18 -38.19
C ALA A 99 -0.49 -34.68 -38.20
N ARG A 100 -1.23 -33.93 -37.40
CA ARG A 100 -1.06 -32.49 -37.32
C ARG A 100 -1.49 -31.97 -35.94
N PRO A 101 -1.11 -30.73 -35.61
CA PRO A 101 -1.50 -30.18 -34.31
C PRO A 101 -3.01 -29.92 -34.21
N GLN A 102 -3.57 -30.05 -33.01
CA GLN A 102 -4.97 -29.71 -32.79
C GLN A 102 -5.19 -28.20 -32.94
N PHE A 103 -4.17 -27.42 -32.58
CA PHE A 103 -4.23 -25.96 -32.59
C PHE A 103 -3.10 -25.44 -33.48
N PRO A 104 -3.25 -25.59 -34.80
CA PRO A 104 -2.17 -25.27 -35.73
C PRO A 104 -1.78 -23.79 -35.70
N GLN A 105 -2.69 -22.93 -35.27
CA GLN A 105 -2.40 -21.50 -35.16
C GLN A 105 -1.26 -21.22 -34.17
N THR A 106 -1.09 -22.09 -33.17
CA THR A 106 0.02 -21.89 -32.22
C THR A 106 1.38 -22.17 -32.86
N VAL A 107 1.42 -23.12 -33.79
CA VAL A 107 2.67 -23.38 -34.50
C VAL A 107 3.01 -22.17 -35.38
N ASP A 108 2.01 -21.65 -36.07
CA ASP A 108 2.22 -20.47 -36.89
CA ASP A 108 2.17 -20.45 -36.88
C ASP A 108 2.71 -19.29 -36.04
N TRP A 109 2.14 -19.13 -34.85
CA TRP A 109 2.58 -18.08 -33.93
C TRP A 109 4.07 -18.22 -33.61
N ILE A 110 4.46 -19.44 -33.26
CA ILE A 110 5.84 -19.70 -32.87
C ILE A 110 6.79 -19.41 -34.03
N LEU A 111 6.42 -19.85 -35.24
CA LEU A 111 7.26 -19.63 -36.40
C LEU A 111 7.47 -18.14 -36.69
N LYS A 112 6.48 -17.34 -36.34
CA LYS A 112 6.51 -15.92 -36.67
C LYS A 112 7.03 -15.02 -35.56
N ASN A 113 7.22 -15.58 -34.36
CA ASN A 113 7.54 -14.75 -33.21
C ASN A 113 8.91 -14.99 -32.60
N GLN A 114 9.82 -15.59 -33.36
CA GLN A 114 11.18 -15.75 -32.86
C GLN A 114 11.84 -14.38 -32.78
N LEU A 115 12.63 -14.17 -31.73
CA LEU A 115 13.35 -12.92 -31.58
C LEU A 115 14.62 -12.97 -32.42
N LYS A 116 15.21 -11.80 -32.65
CA LYS A 116 16.37 -11.67 -33.51
C LYS A 116 17.53 -12.59 -33.09
N ASP A 117 17.68 -12.79 -31.79
CA ASP A 117 18.83 -13.55 -31.29
C ASP A 117 18.59 -15.06 -31.28
N GLY A 118 17.42 -15.47 -31.76
CA GLY A 118 17.10 -16.89 -31.85
C GLY A 118 16.26 -17.40 -30.69
N SER A 119 16.07 -16.59 -29.67
CA SER A 119 15.23 -17.01 -28.56
C SER A 119 13.79 -16.58 -28.81
N TRP A 120 12.87 -17.06 -27.95
CA TRP A 120 11.51 -16.56 -27.90
C TRP A 120 11.33 -15.95 -26.52
N GLY A 121 10.51 -14.90 -26.43
CA GLY A 121 10.23 -14.22 -25.17
C GLY A 121 9.86 -12.78 -25.41
N ILE A 122 9.77 -11.98 -24.35
CA ILE A 122 9.40 -10.58 -24.52
C ILE A 122 10.65 -9.75 -24.74
N GLN A 123 10.70 -9.06 -25.88
CA GLN A 123 11.91 -8.37 -26.31
C GLN A 123 12.39 -7.28 -25.34
N SER A 124 11.46 -6.61 -24.67
CA SER A 124 11.81 -5.46 -23.84
C SER A 124 12.64 -5.86 -22.61
N HIS A 125 12.51 -7.10 -22.19
CA HIS A 125 13.16 -7.57 -20.96
C HIS A 125 13.89 -8.88 -21.23
N PHE A 126 15.17 -8.93 -20.91
CA PHE A 126 15.91 -10.18 -21.08
C PHE A 126 16.12 -10.88 -19.73
N LEU A 127 15.61 -12.09 -19.61
CA LEU A 127 15.89 -12.93 -18.44
C LEU A 127 16.35 -14.29 -18.95
N LEU A 128 17.58 -14.67 -18.62
CA LEU A 128 18.18 -15.89 -19.17
C LEU A 128 17.30 -17.12 -19.01
N SER A 129 16.82 -17.39 -17.79
CA SER A 129 16.05 -18.61 -17.54
C SER A 129 14.76 -18.64 -18.36
N ASP A 130 14.15 -17.48 -18.51
CA ASP A 130 12.93 -17.35 -19.30
C ASP A 130 13.21 -17.67 -20.77
N ARG A 131 14.29 -17.10 -21.31
CA ARG A 131 14.63 -17.35 -22.72
C ARG A 131 15.04 -18.79 -22.93
N LEU A 132 15.76 -19.37 -21.97
CA LEU A 132 16.20 -20.76 -22.10
C LEU A 132 15.01 -21.70 -22.14
N LEU A 133 14.11 -21.52 -21.20
CA LEU A 133 12.96 -22.42 -21.07
C LEU A 133 12.04 -22.29 -22.30
N ALA A 134 11.67 -21.07 -22.64
CA ALA A 134 10.77 -20.84 -23.78
C ALA A 134 11.40 -21.34 -25.09
N THR A 135 12.69 -21.11 -25.24
CA THR A 135 13.35 -21.43 -26.50
C THR A 135 13.47 -22.92 -26.68
N LEU A 136 13.84 -23.63 -25.62
CA LEU A 136 13.92 -25.07 -25.73
C LEU A 136 12.52 -25.63 -25.99
N SER A 137 11.52 -25.06 -25.34
CA SER A 137 10.14 -25.49 -25.52
C SER A 137 9.69 -25.37 -26.98
N CYS A 138 10.00 -24.22 -27.58
CA CYS A 138 9.63 -23.95 -28.97
C CYS A 138 10.40 -24.84 -29.95
N VAL A 139 11.70 -24.98 -29.74
CA VAL A 139 12.51 -25.85 -30.59
C VAL A 139 11.92 -27.26 -30.66
N LEU A 140 11.57 -27.81 -29.51
CA LEU A 140 11.10 -29.21 -29.45
C LEU A 140 9.77 -29.42 -30.19
N VAL A 141 8.84 -28.48 -30.09
CA VAL A 141 7.56 -28.66 -30.75
C VAL A 141 7.67 -28.45 -32.27
N LEU A 142 8.56 -27.55 -32.68
CA LEU A 142 8.81 -27.36 -34.11
C LEU A 142 9.40 -28.62 -34.71
N LEU A 143 10.27 -29.28 -33.95
CA LEU A 143 10.85 -30.54 -34.35
C LEU A 143 9.78 -31.63 -34.39
N LYS A 144 8.92 -31.65 -33.37
CA LYS A 144 7.82 -32.62 -33.34
C LYS A 144 7.05 -32.62 -34.67
N TRP A 145 6.71 -31.43 -35.15
CA TRP A 145 5.90 -31.29 -36.36
C TRP A 145 6.72 -31.15 -37.64
N ASN A 146 8.03 -31.31 -37.52
CA ASN A 146 8.93 -31.27 -38.67
C ASN A 146 8.76 -29.98 -39.49
N VAL A 147 8.74 -28.84 -38.81
CA VAL A 147 8.66 -27.55 -39.47
C VAL A 147 9.68 -26.59 -38.87
N GLY A 148 9.88 -25.44 -39.51
CA GLY A 148 10.70 -24.38 -38.96
C GLY A 148 12.17 -24.72 -38.80
N ASP A 149 12.76 -25.33 -39.83
CA ASP A 149 14.17 -25.74 -39.75
C ASP A 149 15.10 -24.59 -39.35
N LEU A 150 14.88 -23.40 -39.89
CA LEU A 150 15.74 -22.25 -39.61
C LEU A 150 15.56 -21.74 -38.18
N GLN A 151 14.31 -21.72 -37.72
CA GLN A 151 14.00 -21.28 -36.38
C GLN A 151 14.61 -22.23 -35.36
N VAL A 152 14.55 -23.52 -35.67
CA VAL A 152 15.14 -24.56 -34.82
C VAL A 152 16.66 -24.38 -34.72
N GLU A 153 17.31 -24.22 -35.87
CA GLU A 153 18.74 -24.00 -35.92
C GLU A 153 19.16 -22.79 -35.08
N GLN A 154 18.40 -21.70 -35.21
CA GLN A 154 18.70 -20.46 -34.50
C GLN A 154 18.38 -20.59 -33.01
N GLY A 155 17.35 -21.36 -32.68
CA GLY A 155 16.97 -21.60 -31.30
C GLY A 155 18.04 -22.40 -30.59
N ILE A 156 18.47 -23.50 -31.23
CA ILE A 156 19.49 -24.34 -30.66
C ILE A 156 20.77 -23.52 -30.41
N GLU A 157 21.13 -22.67 -31.36
CA GLU A 157 22.32 -21.84 -31.23
C GLU A 157 22.20 -20.91 -30.01
N PHE A 158 21.02 -20.35 -29.80
CA PHE A 158 20.82 -19.47 -28.66
C PHE A 158 21.04 -20.23 -27.34
N ILE A 159 20.40 -21.39 -27.23
CA ILE A 159 20.50 -22.18 -26.00
C ILE A 159 21.95 -22.57 -25.72
N LYS A 160 22.63 -23.04 -26.75
CA LYS A 160 24.01 -23.50 -26.59
C LYS A 160 24.92 -22.36 -26.16
N SER A 161 24.87 -21.27 -26.90
CA SER A 161 25.72 -20.11 -26.65
CA SER A 161 25.76 -20.14 -26.64
C SER A 161 25.50 -19.52 -25.27
N ASN A 162 24.23 -19.42 -24.87
CA ASN A 162 23.94 -18.79 -23.59
C ASN A 162 24.23 -19.66 -22.37
N LEU A 163 24.04 -20.97 -22.50
CA LEU A 163 24.41 -21.89 -21.44
C LEU A 163 25.91 -21.86 -21.19
N GLU A 164 26.68 -21.59 -22.25
CA GLU A 164 28.13 -21.59 -22.15
C GLU A 164 28.68 -20.29 -21.54
N LEU A 165 27.82 -19.29 -21.42
CA LEU A 165 28.20 -18.04 -20.74
C LEU A 165 28.06 -18.14 -19.22
N VAL A 166 27.27 -19.10 -18.74
CA VAL A 166 27.10 -19.25 -17.30
C VAL A 166 28.37 -19.84 -16.72
N LYS A 167 29.06 -19.06 -15.91
CA LYS A 167 30.32 -19.48 -15.32
C LYS A 167 30.10 -20.07 -13.93
N ASP A 168 29.41 -19.33 -13.08
CA ASP A 168 29.03 -19.82 -11.75
C ASP A 168 27.54 -19.59 -11.47
N GLU A 169 27.10 -19.98 -10.28
CA GLU A 169 25.68 -19.94 -9.96
C GLU A 169 25.13 -18.52 -9.98
N THR A 170 25.94 -17.57 -9.53
CA THR A 170 25.53 -16.16 -9.48
C THR A 170 25.35 -15.55 -10.87
N ASP A 171 25.59 -16.33 -11.91
CA ASP A 171 25.39 -15.88 -13.28
C ASP A 171 24.02 -16.26 -13.82
N GLN A 172 23.30 -17.12 -13.10
CA GLN A 172 22.07 -17.67 -13.67
C GLN A 172 20.95 -16.63 -13.71
N ASP A 173 21.02 -15.63 -12.81
CA ASP A 173 20.02 -14.58 -12.72
C ASP A 173 18.71 -15.12 -12.14
N SER A 174 17.66 -14.31 -12.09
CA SER A 174 16.40 -14.75 -11.47
C SER A 174 15.78 -15.93 -12.21
N LEU A 175 15.19 -16.87 -11.48
CA LEU A 175 14.62 -18.08 -12.12
C LEU A 175 13.11 -18.04 -12.26
N VAL A 176 12.62 -18.37 -13.46
CA VAL A 176 11.20 -18.52 -13.68
C VAL A 176 10.69 -19.67 -12.82
N THR A 177 9.38 -19.71 -12.63
CA THR A 177 8.77 -20.70 -11.74
C THR A 177 9.19 -22.12 -12.11
N ASP A 178 9.70 -22.85 -11.11
CA ASP A 178 10.03 -24.27 -11.27
C ASP A 178 11.07 -24.56 -12.35
N PHE A 179 11.90 -23.58 -12.68
CA PHE A 179 12.94 -23.77 -13.68
C PHE A 179 13.85 -24.97 -13.37
N GLU A 180 14.23 -25.10 -12.10
CA GLU A 180 15.16 -26.14 -11.68
C GLU A 180 14.54 -27.51 -11.89
N ILE A 181 13.21 -27.58 -11.76
CA ILE A 181 12.51 -28.85 -11.98
C ILE A 181 12.32 -29.14 -13.46
N ILE A 182 11.87 -28.14 -14.22
CA ILE A 182 11.45 -28.34 -15.60
C ILE A 182 12.60 -28.39 -16.58
N PHE A 183 13.57 -27.50 -16.43
CA PHE A 183 14.61 -27.43 -17.46
C PHE A 183 15.40 -28.74 -17.63
N PRO A 184 15.80 -29.39 -16.52
CA PRO A 184 16.48 -30.68 -16.71
C PRO A 184 15.66 -31.72 -17.49
N SER A 185 14.35 -31.76 -17.29
CA SER A 185 13.54 -32.76 -17.99
C SER A 185 13.32 -32.40 -19.46
N LEU A 186 13.17 -31.11 -19.72
CA LEU A 186 13.04 -30.64 -21.09
C LEU A 186 14.36 -30.91 -21.84
N LEU A 187 15.47 -30.69 -21.14
CA LEU A 187 16.79 -30.93 -21.71
C LEU A 187 17.07 -32.41 -21.97
N ARG A 188 16.55 -33.28 -21.12
CA ARG A 188 16.65 -34.72 -21.35
C ARG A 188 15.84 -35.15 -22.57
N GLU A 189 14.71 -34.50 -22.81
CA GLU A 189 13.96 -34.74 -24.05
C GLU A 189 14.83 -34.43 -25.27
N ALA A 190 15.48 -33.27 -25.27
CA ALA A 190 16.39 -32.88 -26.36
C ALA A 190 17.52 -33.88 -26.51
N GLN A 191 18.06 -34.33 -25.38
CA GLN A 191 19.20 -35.25 -25.39
C GLN A 191 18.83 -36.55 -26.10
N SER A 192 17.59 -37.01 -25.90
CA SER A 192 17.14 -38.25 -26.53
C SER A 192 16.99 -38.06 -28.04
N LEU A 193 16.72 -36.84 -28.48
CA LEU A 193 16.72 -36.52 -29.91
C LEU A 193 18.14 -36.23 -30.44
N ARG A 194 19.13 -36.32 -29.54
CA ARG A 194 20.52 -36.01 -29.89
C ARG A 194 20.73 -34.60 -30.48
N LEU A 195 20.05 -33.60 -29.94
CA LEU A 195 20.27 -32.23 -30.34
C LEU A 195 21.63 -31.74 -29.87
N GLY A 196 22.26 -30.87 -30.67
CA GLY A 196 23.59 -30.38 -30.36
C GLY A 196 23.63 -29.36 -29.23
N LEU A 197 23.41 -29.83 -28.01
CA LEU A 197 23.46 -28.97 -26.83
C LEU A 197 24.48 -29.48 -25.80
N PRO A 198 25.03 -28.56 -24.99
CA PRO A 198 26.07 -28.90 -24.01
C PRO A 198 25.52 -29.53 -22.74
N TYR A 199 25.09 -30.79 -22.83
CA TYR A 199 24.43 -31.48 -21.72
C TYR A 199 25.35 -31.68 -20.51
N ASP A 200 26.65 -31.62 -20.76
CA ASP A 200 27.64 -31.99 -19.74
C ASP A 200 28.23 -30.78 -19.00
N LEU A 201 27.62 -29.62 -19.16
CA LEU A 201 28.06 -28.43 -18.42
C LEU A 201 27.78 -28.58 -16.93
N PRO A 202 28.69 -28.08 -16.09
CA PRO A 202 28.48 -28.10 -14.64
C PRO A 202 27.14 -27.48 -14.25
N TYR A 203 26.78 -26.38 -14.91
CA TYR A 203 25.52 -25.72 -14.58
C TYR A 203 24.34 -26.68 -14.82
N ILE A 204 24.42 -27.47 -15.88
CA ILE A 204 23.37 -28.47 -16.12
C ILE A 204 23.35 -29.52 -15.00
N HIS A 205 24.52 -29.98 -14.58
CA HIS A 205 24.57 -30.95 -13.50
C HIS A 205 24.01 -30.37 -12.20
N LEU A 206 24.33 -29.11 -11.93
CA LEU A 206 23.82 -28.40 -10.76
C LEU A 206 22.29 -28.31 -10.77
N LEU A 207 21.71 -27.98 -11.92
CA LEU A 207 20.25 -27.92 -12.02
C LEU A 207 19.61 -29.27 -11.66
N GLN A 208 20.18 -30.36 -12.15
CA GLN A 208 19.68 -31.69 -11.79
C GLN A 208 19.82 -31.95 -10.29
N THR A 209 20.95 -31.54 -9.72
CA THR A 209 21.10 -31.61 -8.27
C THR A 209 19.98 -30.86 -7.55
N LYS A 210 19.67 -29.65 -7.99
CA LYS A 210 18.61 -28.83 -7.38
C LYS A 210 17.23 -29.47 -7.58
N ARG A 211 17.02 -30.03 -8.76
CA ARG A 211 15.77 -30.76 -9.04
C ARG A 211 15.56 -31.89 -8.01
N GLN A 212 16.61 -32.65 -7.73
CA GLN A 212 16.51 -33.73 -6.74
C GLN A 212 16.19 -33.16 -5.36
N GLU A 213 16.87 -32.07 -5.01
CA GLU A 213 16.64 -31.44 -3.72
C GLU A 213 15.16 -31.03 -3.57
N ARG A 214 14.58 -30.49 -4.64
CA ARG A 214 13.17 -30.10 -4.57
C ARG A 214 12.25 -31.32 -4.48
N LEU A 215 12.54 -32.33 -5.28
CA LEU A 215 11.67 -33.50 -5.40
C LEU A 215 11.70 -34.36 -4.14
N ALA A 216 12.76 -34.22 -3.35
CA ALA A 216 12.91 -35.00 -2.13
C ALA A 216 11.87 -34.64 -1.08
N LYS A 217 11.49 -33.37 -1.03
CA LYS A 217 10.55 -32.91 0.00
C LYS A 217 9.10 -33.09 -0.44
N LEU A 218 8.93 -33.71 -1.61
CA LEU A 218 7.61 -33.88 -2.19
C LEU A 218 6.87 -35.06 -1.59
N SER A 219 5.65 -34.85 -1.11
CA SER A 219 4.80 -35.97 -0.70
C SER A 219 4.02 -36.44 -1.92
N ARG A 220 4.46 -37.54 -2.53
CA ARG A 220 3.88 -37.95 -3.79
C ARG A 220 2.44 -38.43 -3.64
N GLU A 221 2.14 -39.14 -2.57
CA GLU A 221 0.79 -39.66 -2.40
C GLU A 221 -0.18 -38.47 -2.27
N GLU A 222 0.26 -37.41 -1.62
CA GLU A 222 -0.56 -36.22 -1.42
C GLU A 222 -0.81 -35.42 -2.71
N ILE A 223 -0.01 -35.66 -3.75
CA ILE A 223 -0.18 -34.95 -5.03
C ILE A 223 -1.59 -35.14 -5.55
N TYR A 224 -2.15 -36.31 -5.27
CA TYR A 224 -3.43 -36.70 -5.85
C TYR A 224 -4.60 -36.29 -4.96
N ALA A 225 -4.29 -35.91 -3.73
CA ALA A 225 -5.31 -35.69 -2.71
C ALA A 225 -5.44 -34.22 -2.33
N VAL A 226 -4.31 -33.54 -2.25
CA VAL A 226 -4.26 -32.16 -1.79
C VAL A 226 -3.62 -31.29 -2.87
N PRO A 227 -4.39 -30.34 -3.44
CA PRO A 227 -3.82 -29.51 -4.50
C PRO A 227 -2.61 -28.75 -3.97
N SER A 228 -1.60 -28.57 -4.81
CA SER A 228 -0.34 -27.97 -4.38
C SER A 228 0.27 -27.19 -5.55
N PRO A 229 1.26 -26.34 -5.26
CA PRO A 229 1.82 -25.51 -6.34
C PRO A 229 2.45 -26.34 -7.46
N LEU A 230 2.83 -27.58 -7.19
CA LEU A 230 3.45 -28.39 -8.24
C LEU A 230 2.52 -28.69 -9.41
N LEU A 231 1.21 -28.57 -9.18
CA LEU A 231 0.24 -28.78 -10.26
C LEU A 231 0.43 -27.78 -11.41
N TYR A 232 1.11 -26.68 -11.11
CA TYR A 232 1.36 -25.63 -12.11
C TYR A 232 2.40 -26.07 -13.15
N SER A 233 3.09 -27.17 -12.86
CA SER A 233 4.25 -27.59 -13.66
C SER A 233 4.33 -29.09 -13.86
N LEU A 234 3.21 -29.75 -14.09
CA LEU A 234 3.23 -31.20 -14.24
C LEU A 234 4.06 -31.63 -15.44
N GLU A 235 4.20 -30.73 -16.42
CA GLU A 235 4.95 -31.05 -17.62
C GLU A 235 6.43 -31.31 -17.29
N GLY A 236 6.86 -30.87 -16.12
CA GLY A 236 8.24 -31.10 -15.69
C GLY A 236 8.47 -32.34 -14.84
N ILE A 237 7.41 -32.99 -14.39
CA ILE A 237 7.55 -34.19 -13.56
C ILE A 237 6.76 -35.38 -14.12
N GLN A 238 6.85 -35.58 -15.43
CA GLN A 238 6.04 -36.60 -16.09
C GLN A 238 6.28 -38.04 -15.64
N ASP A 239 7.50 -38.37 -15.24
CA ASP A 239 7.81 -39.73 -14.78
C ASP A 239 7.25 -40.02 -13.39
N ILE A 240 6.91 -38.97 -12.65
CA ILE A 240 6.44 -39.11 -11.28
C ILE A 240 4.92 -39.27 -11.19
N VAL A 241 4.21 -38.57 -12.06
CA VAL A 241 2.77 -38.47 -11.92
C VAL A 241 2.02 -39.68 -12.47
N GLU A 242 1.15 -40.27 -11.64
CA GLU A 242 0.21 -41.28 -12.12
C GLU A 242 -0.98 -40.51 -12.71
N TRP A 243 -1.04 -40.45 -14.03
CA TRP A 243 -2.06 -39.63 -14.69
C TRP A 243 -3.46 -40.12 -14.37
N GLU A 244 -3.58 -41.41 -14.04
CA GLU A 244 -4.88 -41.99 -13.77
C GLU A 244 -5.49 -41.54 -12.44
N ARG A 245 -4.70 -40.81 -11.65
CA ARG A 245 -5.11 -40.36 -10.32
C ARG A 245 -5.13 -38.84 -10.20
N ILE A 246 -4.56 -38.16 -11.19
CA ILE A 246 -4.33 -36.72 -11.08
C ILE A 246 -5.61 -35.89 -11.27
N MET A 247 -6.64 -36.46 -11.85
CA MET A 247 -7.85 -35.68 -12.14
C MET A 247 -8.54 -35.14 -10.90
N GLU A 248 -8.27 -35.76 -9.75
CA GLU A 248 -8.91 -35.36 -8.51
C GLU A 248 -8.57 -33.93 -8.07
N VAL A 249 -7.41 -33.43 -8.47
CA VAL A 249 -7.02 -32.06 -8.10
C VAL A 249 -7.08 -31.09 -9.30
N GLN A 250 -7.78 -31.51 -10.35
CA GLN A 250 -8.02 -30.64 -11.49
C GLN A 250 -8.89 -29.46 -11.06
N SER A 251 -8.67 -28.29 -11.64
CA SER A 251 -9.52 -27.13 -11.34
C SER A 251 -10.88 -27.30 -11.99
N GLN A 252 -11.85 -26.55 -11.49
CA GLN A 252 -13.21 -26.65 -12.01
C GLN A 252 -13.29 -26.30 -13.49
N ASP A 253 -12.37 -25.47 -13.96
CA ASP A 253 -12.37 -25.09 -15.38
C ASP A 253 -11.60 -26.07 -16.25
N GLY A 254 -11.06 -27.11 -15.62
CA GLY A 254 -10.33 -28.13 -16.36
C GLY A 254 -8.83 -27.93 -16.38
N SER A 255 -8.36 -26.77 -15.92
CA SER A 255 -6.92 -26.54 -15.92
C SER A 255 -6.26 -27.24 -14.76
N PHE A 256 -4.94 -27.37 -14.84
CA PHE A 256 -4.16 -27.73 -13.68
C PHE A 256 -3.45 -26.48 -13.20
N LEU A 257 -3.95 -25.97 -12.07
CA LEU A 257 -3.53 -24.70 -11.46
C LEU A 257 -3.32 -23.57 -12.48
N SER A 258 -4.24 -23.48 -13.46
CA SER A 258 -4.31 -22.34 -14.37
C SER A 258 -3.20 -22.31 -15.43
N SER A 259 -2.39 -23.36 -15.50
CA SER A 259 -1.29 -23.44 -16.47
C SER A 259 -1.69 -24.15 -17.75
N PRO A 260 -1.63 -23.43 -18.90
CA PRO A 260 -1.90 -24.09 -20.18
C PRO A 260 -0.91 -25.22 -20.46
N ALA A 261 0.38 -25.03 -20.17
CA ALA A 261 1.36 -26.07 -20.43
C ALA A 261 1.07 -27.34 -19.60
N SER A 262 0.79 -27.14 -18.31
CA SER A 262 0.59 -28.26 -17.41
C SER A 262 -0.67 -29.01 -17.84
N THR A 263 -1.69 -28.26 -18.23
CA THR A 263 -2.95 -28.85 -18.69
C THR A 263 -2.79 -29.59 -20.00
N ALA A 264 -2.03 -29.01 -20.93
CA ALA A 264 -1.79 -29.66 -22.22
C ALA A 264 -1.11 -31.01 -22.01
N CYS A 265 -0.21 -31.04 -21.04
CA CYS A 265 0.53 -32.25 -20.73
C CYS A 265 -0.42 -33.35 -20.21
N VAL A 266 -1.28 -32.98 -19.27
CA VAL A 266 -2.24 -33.93 -18.75
C VAL A 266 -3.17 -34.39 -19.86
N PHE A 267 -3.60 -33.46 -20.70
CA PHE A 267 -4.47 -33.87 -21.80
C PHE A 267 -3.83 -34.93 -22.68
N MET A 268 -2.57 -34.72 -23.06
CA MET A 268 -1.92 -35.64 -23.98
C MET A 268 -1.74 -37.02 -23.36
N HIS A 269 -1.75 -37.08 -22.03
CA HIS A 269 -1.63 -38.37 -21.34
C HIS A 269 -2.96 -39.04 -21.08
N THR A 270 -4.04 -38.27 -21.01
CA THR A 270 -5.31 -38.81 -20.54
C THR A 270 -6.46 -38.69 -21.53
N GLY A 271 -6.38 -37.70 -22.42
CA GLY A 271 -7.50 -37.43 -23.32
C GLY A 271 -8.67 -36.80 -22.57
N ASP A 272 -8.41 -36.29 -21.37
CA ASP A 272 -9.47 -35.74 -20.53
C ASP A 272 -10.24 -34.59 -21.19
N ALA A 273 -11.56 -34.73 -21.26
CA ALA A 273 -12.41 -33.74 -21.95
C ALA A 273 -12.35 -32.33 -21.35
N LYS A 274 -12.28 -32.23 -20.03
CA LYS A 274 -12.24 -30.92 -19.36
C LYS A 274 -10.92 -30.20 -19.60
N CYS A 275 -9.83 -30.96 -19.65
CA CYS A 275 -8.53 -30.37 -20.02
C CYS A 275 -8.65 -29.70 -21.39
N LEU A 276 -9.22 -30.43 -22.35
CA LEU A 276 -9.35 -29.88 -23.69
C LEU A 276 -10.20 -28.61 -23.69
N GLU A 277 -11.27 -28.62 -22.92
CA GLU A 277 -12.14 -27.45 -22.83
C GLU A 277 -11.38 -26.23 -22.32
N PHE A 278 -10.51 -26.44 -21.34
CA PHE A 278 -9.71 -25.32 -20.85
C PHE A 278 -8.80 -24.78 -21.94
N LEU A 279 -8.14 -25.67 -22.66
CA LEU A 279 -7.24 -25.23 -23.75
C LEU A 279 -8.04 -24.47 -24.81
N ASN A 280 -9.17 -25.03 -25.21
CA ASN A 280 -10.05 -24.32 -26.15
C ASN A 280 -10.42 -22.93 -25.66
N SER A 281 -10.69 -22.80 -24.36
CA SER A 281 -11.18 -21.53 -23.82
C SER A 281 -10.09 -20.48 -23.90
N VAL A 282 -8.84 -20.87 -23.65
CA VAL A 282 -7.73 -19.93 -23.74
C VAL A 282 -7.44 -19.53 -25.20
N MET A 283 -7.55 -20.47 -26.13
CA MET A 283 -7.35 -20.16 -27.55
C MET A 283 -8.42 -19.18 -28.04
N ILE A 284 -9.66 -19.43 -27.62
CA ILE A 284 -10.78 -18.57 -27.98
C ILE A 284 -10.53 -17.14 -27.47
N LYS A 285 -10.00 -17.05 -26.27
CA LYS A 285 -9.73 -15.75 -25.66
C LYS A 285 -8.57 -15.01 -26.32
N PHE A 286 -7.48 -15.71 -26.61
CA PHE A 286 -6.28 -15.02 -27.08
C PHE A 286 -5.98 -15.17 -28.57
N GLY A 287 -6.59 -16.15 -29.22
CA GLY A 287 -6.41 -16.30 -30.65
C GLY A 287 -5.39 -17.35 -31.05
N ASN A 288 -4.12 -16.99 -31.06
CA ASN A 288 -3.09 -17.90 -31.55
C ASN A 288 -1.92 -18.10 -30.60
N PHE A 289 -2.12 -17.69 -29.35
CA PHE A 289 -1.13 -17.94 -28.30
C PHE A 289 -1.84 -18.17 -26.98
N VAL A 290 -1.08 -18.56 -25.95
CA VAL A 290 -1.62 -18.60 -24.60
C VAL A 290 -0.63 -17.95 -23.65
N PRO A 291 -1.14 -17.42 -22.53
CA PRO A 291 -0.26 -16.84 -21.50
C PRO A 291 0.22 -17.95 -20.56
N CYS A 292 1.00 -17.63 -19.52
CA CYS A 292 1.49 -18.67 -18.59
C CYS A 292 0.58 -18.90 -17.38
N LEU A 293 -0.48 -18.10 -17.28
CA LEU A 293 -1.45 -18.19 -16.19
C LEU A 293 -2.78 -17.77 -16.73
N TYR A 294 -3.84 -18.50 -16.45
CA TYR A 294 -5.15 -18.04 -16.87
C TYR A 294 -6.30 -18.74 -16.18
N PRO A 295 -7.29 -17.97 -15.70
CA PRO A 295 -7.32 -16.49 -15.70
C PRO A 295 -6.50 -15.92 -14.55
N VAL A 296 -6.34 -14.59 -14.55
CA VAL A 296 -5.74 -13.91 -13.41
C VAL A 296 -6.73 -12.86 -12.91
N ASP A 297 -8.01 -13.23 -12.95
CA ASP A 297 -9.08 -12.27 -12.67
C ASP A 297 -9.01 -11.63 -11.28
N LEU A 298 -8.72 -12.40 -10.24
CA LEU A 298 -8.63 -11.82 -8.88
C LEU A 298 -7.38 -10.97 -8.67
N LEU A 299 -6.22 -11.55 -8.96
CA LEU A 299 -4.96 -10.81 -8.78
C LEU A 299 -4.93 -9.53 -9.62
N GLU A 300 -5.39 -9.60 -10.88
CA GLU A 300 -5.35 -8.45 -11.77
C GLU A 300 -6.22 -7.31 -11.24
N ARG A 301 -7.45 -7.62 -10.82
CA ARG A 301 -8.32 -6.61 -10.24
C ARG A 301 -7.70 -5.95 -9.01
N LEU A 302 -7.10 -6.77 -8.14
CA LEU A 302 -6.48 -6.24 -6.94
C LEU A 302 -5.27 -5.37 -7.25
N LEU A 303 -4.50 -5.79 -8.26
CA LEU A 303 -3.31 -5.02 -8.66
C LEU A 303 -3.68 -3.68 -9.26
N ILE A 304 -4.75 -3.66 -10.05
CA ILE A 304 -5.27 -2.41 -10.60
C ILE A 304 -5.63 -1.45 -9.46
N VAL A 305 -6.42 -1.93 -8.52
CA VAL A 305 -6.83 -1.10 -7.38
C VAL A 305 -5.60 -0.65 -6.58
N ASP A 306 -4.67 -1.56 -6.32
CA ASP A 306 -3.52 -1.22 -5.49
C ASP A 306 -2.74 -0.09 -6.13
N ASN A 307 -2.58 -0.14 -7.45
CA ASN A 307 -1.75 0.85 -8.10
C ASN A 307 -2.45 2.20 -8.22
N ILE A 308 -3.75 2.18 -8.49
CA ILE A 308 -4.53 3.40 -8.51
C ILE A 308 -4.49 4.07 -7.12
N VAL A 309 -4.63 3.27 -6.08
CA VAL A 309 -4.55 3.82 -4.71
C VAL A 309 -3.16 4.39 -4.38
N ARG A 310 -2.10 3.61 -4.65
CA ARG A 310 -0.75 4.07 -4.32
C ARG A 310 -0.30 5.29 -5.14
N LEU A 311 -0.81 5.45 -6.36
CA LEU A 311 -0.51 6.63 -7.17
C LEU A 311 -1.23 7.90 -6.69
N GLY A 312 -2.17 7.72 -5.78
CA GLY A 312 -2.89 8.85 -5.19
C GLY A 312 -4.06 9.31 -6.04
N ILE A 313 -4.46 8.52 -7.02
CA ILE A 313 -5.48 8.96 -7.98
C ILE A 313 -6.83 8.28 -7.79
N TYR A 314 -6.99 7.58 -6.66
CA TYR A 314 -8.18 6.78 -6.39
C TYR A 314 -9.49 7.57 -6.35
N ARG A 315 -9.44 8.85 -6.02
CA ARG A 315 -10.69 9.58 -5.85
C ARG A 315 -11.46 9.74 -7.17
N HIS A 316 -10.74 9.58 -8.28
CA HIS A 316 -11.35 9.69 -9.61
C HIS A 316 -12.05 8.42 -10.07
N PHE A 317 -11.81 7.33 -9.34
CA PHE A 317 -12.24 6.01 -9.78
C PHE A 317 -13.01 5.26 -8.71
N GLU A 318 -13.81 5.99 -7.93
CA GLU A 318 -14.61 5.33 -6.89
C GLU A 318 -15.48 4.19 -7.46
N LYS A 319 -16.15 4.46 -8.58
CA LYS A 319 -17.07 3.49 -9.17
C LYS A 319 -16.34 2.21 -9.59
N GLU A 320 -15.22 2.39 -10.29
CA GLU A 320 -14.44 1.26 -10.80
C GLU A 320 -13.80 0.43 -9.68
N ILE A 321 -13.29 1.11 -8.65
CA ILE A 321 -12.70 0.41 -7.52
C ILE A 321 -13.74 -0.44 -6.78
N LYS A 322 -14.94 0.13 -6.62
CA LYS A 322 -16.01 -0.60 -5.96
C LYS A 322 -16.40 -1.81 -6.79
N GLU A 323 -16.50 -1.63 -8.10
CA GLU A 323 -16.89 -2.73 -8.97
C GLU A 323 -15.83 -3.84 -8.93
N ALA A 324 -14.56 -3.44 -8.90
CA ALA A 324 -13.44 -4.39 -8.84
C ALA A 324 -13.43 -5.16 -7.52
N LEU A 325 -13.55 -4.43 -6.40
CA LEU A 325 -13.47 -5.08 -5.10
C LEU A 325 -14.75 -5.87 -4.80
N ASP A 326 -15.89 -5.44 -5.34
CA ASP A 326 -17.13 -6.20 -5.16
C ASP A 326 -16.96 -7.60 -5.75
N TYR A 327 -16.33 -7.67 -6.92
CA TYR A 327 -16.06 -8.95 -7.59
C TYR A 327 -15.09 -9.77 -6.75
N VAL A 328 -14.01 -9.17 -6.27
CA VAL A 328 -13.09 -9.92 -5.41
C VAL A 328 -13.81 -10.44 -4.19
N TYR A 329 -14.61 -9.58 -3.56
CA TYR A 329 -15.34 -9.96 -2.35
C TYR A 329 -16.31 -11.11 -2.58
N ARG A 330 -16.95 -11.15 -3.74
CA ARG A 330 -17.85 -12.25 -4.06
C ARG A 330 -17.11 -13.60 -3.95
N HIS A 331 -15.85 -13.60 -4.34
CA HIS A 331 -15.06 -14.83 -4.36
C HIS A 331 -14.21 -15.03 -3.12
N TRP A 332 -14.27 -14.07 -2.21
CA TRP A 332 -13.55 -14.16 -0.95
C TRP A 332 -14.16 -15.27 -0.10
N ASN A 333 -13.33 -16.18 0.37
CA ASN A 333 -13.84 -17.28 1.17
C ASN A 333 -12.88 -17.66 2.29
N GLU A 334 -13.34 -18.51 3.21
CA GLU A 334 -12.58 -18.83 4.40
C GLU A 334 -11.25 -19.53 4.07
N ARG A 335 -11.16 -20.11 2.88
CA ARG A 335 -9.94 -20.84 2.48
C ARG A 335 -8.93 -19.95 1.77
N GLY A 336 -9.24 -18.67 1.62
CA GLY A 336 -8.35 -17.77 0.90
C GLY A 336 -8.64 -17.77 -0.59
N ILE A 337 -7.90 -16.96 -1.34
CA ILE A 337 -8.11 -16.84 -2.78
C ILE A 337 -6.83 -17.06 -3.56
N GLY A 338 -6.98 -17.60 -4.77
CA GLY A 338 -5.86 -17.68 -5.70
C GLY A 338 -5.84 -16.50 -6.64
N TRP A 339 -4.89 -16.47 -7.56
CA TRP A 339 -4.77 -15.36 -8.50
C TRP A 339 -5.95 -15.39 -9.48
N GLY A 340 -6.47 -16.60 -9.69
CA GLY A 340 -7.68 -16.83 -10.47
C GLY A 340 -8.77 -17.45 -9.59
N ARG A 341 -10.01 -17.08 -9.84
CA ARG A 341 -11.10 -17.51 -8.96
C ARG A 341 -11.29 -19.03 -8.94
N LEU A 342 -10.80 -19.73 -9.95
CA LEU A 342 -10.98 -21.19 -9.96
C LEU A 342 -9.85 -22.02 -9.34
N ASN A 343 -8.79 -21.37 -8.85
CA ASN A 343 -7.66 -22.10 -8.28
C ASN A 343 -8.11 -22.95 -7.10
N PRO A 344 -7.70 -24.22 -7.06
CA PRO A 344 -8.14 -25.11 -6.00
C PRO A 344 -7.36 -24.90 -4.69
N ILE A 345 -6.39 -24.00 -4.71
CA ILE A 345 -5.64 -23.66 -3.51
C ILE A 345 -5.40 -22.16 -3.48
N ALA A 346 -5.37 -21.60 -2.28
CA ALA A 346 -5.14 -20.17 -2.14
C ALA A 346 -3.68 -19.80 -2.38
N ASP A 347 -3.47 -18.52 -2.65
CA ASP A 347 -2.17 -17.95 -2.94
C ASP A 347 -1.95 -16.84 -1.91
N LEU A 348 -0.86 -16.92 -1.15
CA LEU A 348 -0.61 -15.88 -0.13
C LEU A 348 -0.53 -14.48 -0.74
N GLU A 349 0.19 -14.34 -1.85
CA GLU A 349 0.33 -13.02 -2.48
C GLU A 349 -1.05 -12.38 -2.71
N THR A 350 -1.94 -13.11 -3.38
CA THR A 350 -3.25 -12.57 -3.73
C THR A 350 -4.13 -12.42 -2.49
N THR A 351 -4.07 -13.40 -1.60
CA THR A 351 -4.88 -13.36 -0.38
C THR A 351 -4.49 -12.18 0.52
N ALA A 352 -3.19 -11.94 0.70
CA ALA A 352 -2.76 -10.85 1.59
C ALA A 352 -3.08 -9.50 0.96
N LEU A 353 -2.91 -9.41 -0.36
CA LEU A 353 -3.30 -8.20 -1.07
C LEU A 353 -4.80 -7.94 -0.97
N GLY A 354 -5.61 -8.99 -1.18
CA GLY A 354 -7.05 -8.89 -1.03
C GLY A 354 -7.47 -8.46 0.36
N PHE A 355 -6.92 -9.11 1.36
CA PHE A 355 -7.24 -8.76 2.75
C PHE A 355 -7.04 -7.26 3.01
N ARG A 356 -5.88 -6.75 2.63
CA ARG A 356 -5.56 -5.35 2.88
C ARG A 356 -6.49 -4.38 2.12
N LEU A 357 -6.66 -4.60 0.82
CA LEU A 357 -7.50 -3.70 0.02
C LEU A 357 -8.98 -3.77 0.43
N LEU A 358 -9.47 -4.97 0.70
CA LEU A 358 -10.85 -5.11 1.13
C LEU A 358 -11.07 -4.40 2.46
N ARG A 359 -10.19 -4.64 3.42
CA ARG A 359 -10.38 -4.04 4.73
C ARG A 359 -10.27 -2.52 4.63
N LEU A 360 -9.32 -2.08 3.80
CA LEU A 360 -9.09 -0.65 3.61
C LEU A 360 -10.32 0.02 3.00
N HIS A 361 -11.10 -0.74 2.23
CA HIS A 361 -12.27 -0.19 1.58
C HIS A 361 -13.55 -0.57 2.31
N ARG A 362 -13.38 -0.92 3.59
CA ARG A 362 -14.46 -1.10 4.55
C ARG A 362 -15.31 -2.35 4.33
N TYR A 363 -14.78 -3.31 3.58
CA TYR A 363 -15.40 -4.63 3.52
C TYR A 363 -15.03 -5.40 4.79
N ASN A 364 -15.92 -6.28 5.22
CA ASN A 364 -15.65 -7.07 6.41
C ASN A 364 -14.86 -8.33 6.08
N VAL A 365 -13.59 -8.35 6.48
CA VAL A 365 -12.75 -9.53 6.30
C VAL A 365 -12.11 -9.90 7.63
N SER A 366 -11.78 -11.17 7.79
CA SER A 366 -11.17 -11.66 9.03
C SER A 366 -9.74 -12.14 8.77
N PRO A 367 -8.82 -11.75 9.66
CA PRO A 367 -7.43 -12.20 9.54
C PRO A 367 -7.29 -13.71 9.74
N ALA A 368 -8.35 -14.37 10.21
CA ALA A 368 -8.30 -15.83 10.32
C ALA A 368 -8.03 -16.51 8.97
N ILE A 369 -8.22 -15.80 7.86
CA ILE A 369 -7.90 -16.40 6.55
C ILE A 369 -6.41 -16.76 6.42
N PHE A 370 -5.56 -16.10 7.22
CA PHE A 370 -4.13 -16.40 7.14
C PHE A 370 -3.78 -17.75 7.75
N ASP A 371 -4.73 -18.35 8.48
CA ASP A 371 -4.54 -19.71 8.98
C ASP A 371 -4.31 -20.68 7.83
N ASN A 372 -4.83 -20.37 6.66
CA ASN A 372 -4.66 -21.23 5.49
C ASN A 372 -3.21 -21.36 5.04
N PHE A 373 -2.33 -20.56 5.62
CA PHE A 373 -0.95 -20.52 5.16
C PHE A 373 0.00 -20.88 6.29
N LYS A 374 -0.51 -21.68 7.23
CA LYS A 374 0.24 -22.09 8.43
C LYS A 374 0.51 -23.58 8.47
N ASP A 375 1.11 -24.04 9.58
CA ASP A 375 1.38 -25.45 9.82
C ASP A 375 1.50 -25.73 11.32
N ALA A 376 2.00 -26.91 11.66
CA ALA A 376 2.22 -27.28 13.06
C ALA A 376 0.97 -27.04 13.90
N LYS A 379 4.24 -22.00 12.59
CA LYS A 379 3.17 -21.20 12.00
C LYS A 379 3.32 -21.06 10.49
N PHE A 380 3.60 -19.85 10.03
CA PHE A 380 3.60 -19.55 8.59
C PHE A 380 4.65 -20.33 7.80
N ILE A 381 4.40 -20.47 6.50
CA ILE A 381 5.28 -21.19 5.60
C ILE A 381 5.76 -20.28 4.47
N CYS A 382 5.16 -20.43 3.29
CA CYS A 382 5.53 -19.65 2.11
C CYS A 382 7.04 -19.41 1.97
N SER A 383 7.75 -20.45 1.56
CA SER A 383 9.19 -20.36 1.34
C SER A 383 9.57 -21.43 0.32
N THR A 384 8.63 -21.71 -0.58
CA THR A 384 8.79 -22.82 -1.51
C THR A 384 8.88 -22.39 -2.98
N GLY A 385 7.90 -21.61 -3.44
CA GLY A 385 7.82 -21.25 -4.85
C GLY A 385 8.98 -20.43 -5.37
N GLN A 386 8.78 -19.71 -6.47
CA GLN A 386 9.87 -18.89 -7.00
C GLN A 386 10.02 -17.58 -6.22
N PHE A 387 11.25 -17.08 -6.25
CA PHE A 387 11.68 -16.09 -5.26
C PHE A 387 10.86 -14.81 -5.25
N ASN A 388 10.57 -14.29 -6.43
CA ASN A 388 9.87 -13.01 -6.52
C ASN A 388 8.45 -13.14 -5.98
N LYS A 389 7.80 -14.25 -6.29
CA LYS A 389 6.49 -14.51 -5.74
C LYS A 389 6.55 -14.61 -4.21
N ASP A 390 7.53 -15.32 -3.68
CA ASP A 390 7.66 -15.45 -2.23
C ASP A 390 7.85 -14.09 -1.59
N VAL A 391 8.75 -13.29 -2.16
CA VAL A 391 9.01 -11.96 -1.63
C VAL A 391 7.76 -11.08 -1.71
N ALA A 392 7.03 -11.18 -2.82
CA ALA A 392 5.80 -10.40 -3.00
C ALA A 392 4.77 -10.81 -1.96
N SER A 393 4.67 -12.11 -1.68
CA SER A 393 3.68 -12.61 -0.71
C SER A 393 3.96 -12.04 0.67
N MET A 394 5.23 -11.99 1.02
CA MET A 394 5.64 -11.48 2.33
C MET A 394 5.57 -9.96 2.44
N LEU A 395 5.87 -9.26 1.36
CA LEU A 395 5.65 -7.82 1.36
C LEU A 395 4.16 -7.55 1.57
N ASN A 396 3.32 -8.32 0.88
CA ASN A 396 1.88 -8.13 1.02
C ASN A 396 1.40 -8.51 2.42
N LEU A 397 1.95 -9.59 2.96
CA LEU A 397 1.60 -9.99 4.34
C LEU A 397 2.00 -8.90 5.34
N TYR A 398 3.21 -8.40 5.21
CA TYR A 398 3.71 -7.31 6.05
C TYR A 398 2.75 -6.11 6.00
N ARG A 399 2.39 -5.67 4.80
CA ARG A 399 1.48 -4.52 4.68
C ARG A 399 0.10 -4.82 5.27
N ALA A 400 -0.45 -6.01 4.98
CA ALA A 400 -1.76 -6.38 5.53
C ALA A 400 -1.75 -6.37 7.06
N SER A 401 -0.66 -6.82 7.66
CA SER A 401 -0.61 -6.98 9.13
C SER A 401 -0.75 -5.64 9.85
N GLN A 402 -0.43 -4.55 9.16
CA GLN A 402 -0.50 -3.23 9.78
C GLN A 402 -1.92 -2.71 9.92
N LEU A 403 -2.88 -3.40 9.30
CA LEU A 403 -4.28 -2.98 9.36
C LEU A 403 -5.02 -3.73 10.47
N ALA A 404 -4.26 -4.17 11.48
CA ALA A 404 -4.84 -4.93 12.59
C ALA A 404 -5.86 -4.15 13.44
N PHE A 405 -6.96 -4.81 13.78
CA PHE A 405 -7.92 -4.32 14.76
C PHE A 405 -7.61 -4.92 16.14
N PRO A 406 -8.18 -4.34 17.21
CA PRO A 406 -7.92 -4.87 18.56
C PRO A 406 -8.18 -6.38 18.65
N GLY A 407 -7.29 -7.08 19.36
CA GLY A 407 -7.46 -8.51 19.59
C GLY A 407 -7.15 -9.42 18.40
N GLU A 408 -6.57 -8.87 17.34
CA GLU A 408 -6.20 -9.70 16.20
C GLU A 408 -4.74 -10.18 16.27
N ASN A 409 -4.48 -11.10 17.20
CA ASN A 409 -3.14 -11.60 17.44
C ASN A 409 -2.46 -12.25 16.25
N ILE A 410 -3.22 -12.90 15.38
CA ILE A 410 -2.63 -13.52 14.21
C ILE A 410 -1.90 -12.48 13.36
N LEU A 411 -2.38 -11.24 13.38
CA LEU A 411 -1.73 -10.20 12.56
C LEU A 411 -0.43 -9.70 13.21
N ASP A 412 -0.40 -9.68 14.54
CA ASP A 412 0.85 -9.44 15.24
C ASP A 412 1.89 -10.53 14.91
N GLU A 413 1.46 -11.79 14.91
CA GLU A 413 2.35 -12.89 14.53
C GLU A 413 2.77 -12.75 13.08
N ALA A 414 1.84 -12.33 12.24
CA ALA A 414 2.12 -12.19 10.81
C ALA A 414 3.17 -11.13 10.58
N LYS A 415 3.01 -9.98 11.24
CA LYS A 415 3.95 -8.89 11.12
C LYS A 415 5.37 -9.34 11.49
N SER A 416 5.50 -9.96 12.65
CA SER A 416 6.78 -10.48 13.11
CA SER A 416 6.79 -10.46 13.11
C SER A 416 7.40 -11.41 12.07
N PHE A 417 6.62 -12.39 11.63
CA PHE A 417 7.12 -13.36 10.67
C PHE A 417 7.58 -12.71 9.38
N ALA A 418 6.73 -11.87 8.79
CA ALA A 418 7.07 -11.22 7.54
C ALA A 418 8.28 -10.30 7.64
N THR A 419 8.41 -9.60 8.77
CA THR A 419 9.58 -8.74 8.99
C THR A 419 10.87 -9.54 8.96
N LYS A 420 10.90 -10.62 9.75
CA LYS A 420 12.04 -11.52 9.79
C LYS A 420 12.35 -12.08 8.39
N TYR A 421 11.32 -12.52 7.70
CA TYR A 421 11.50 -13.03 6.33
C TYR A 421 12.17 -12.00 5.41
N LEU A 422 11.65 -10.77 5.43
CA LEU A 422 12.12 -9.74 4.52
C LEU A 422 13.55 -9.30 4.86
N ARG A 423 13.87 -9.20 6.15
CA ARG A 423 15.24 -8.87 6.53
C ARG A 423 16.20 -9.97 6.06
N GLU A 424 15.76 -11.21 6.15
CA GLU A 424 16.59 -12.30 5.66
C GLU A 424 16.71 -12.24 4.14
N ALA A 425 15.63 -11.86 3.47
CA ALA A 425 15.66 -11.81 2.02
C ALA A 425 16.71 -10.80 1.53
N LEU A 426 16.84 -9.69 2.26
CA LEU A 426 17.85 -8.69 1.93
C LEU A 426 19.25 -9.27 1.85
N GLU A 427 19.51 -10.31 2.64
CA GLU A 427 20.84 -10.90 2.71
C GLU A 427 21.03 -12.05 1.73
N LYS A 428 19.99 -12.37 0.95
CA LYS A 428 20.08 -13.48 0.01
C LYS A 428 20.67 -13.04 -1.32
N SER A 429 21.50 -13.90 -1.92
CA SER A 429 22.12 -13.54 -3.19
C SER A 429 21.09 -13.30 -4.29
N GLU A 430 19.97 -14.03 -4.26
CA GLU A 430 18.92 -13.88 -5.27
C GLU A 430 18.43 -12.43 -5.36
N THR A 431 18.35 -11.77 -4.21
CA THR A 431 17.83 -10.42 -4.14
C THR A 431 18.71 -9.48 -4.98
N SER A 432 19.98 -9.83 -5.11
CA SER A 432 20.93 -9.04 -5.90
C SER A 432 21.14 -9.58 -7.31
N SER A 433 20.21 -10.36 -7.85
CA SER A 433 20.36 -10.80 -9.24
C SER A 433 20.30 -9.58 -10.18
N ALA A 434 20.85 -9.73 -11.38
CA ALA A 434 20.73 -8.68 -12.40
C ALA A 434 19.27 -8.22 -12.56
N TRP A 435 18.36 -9.18 -12.69
CA TRP A 435 16.94 -8.88 -12.85
C TRP A 435 16.38 -8.05 -11.69
N ASN A 436 16.66 -8.49 -10.47
CA ASN A 436 16.12 -7.82 -9.29
C ASN A 436 16.74 -6.46 -9.10
N ASN A 437 18.03 -6.35 -9.39
CA ASN A 437 18.70 -5.05 -9.32
C ASN A 437 18.11 -4.06 -10.30
N LYS A 438 17.78 -4.54 -11.50
CA LYS A 438 17.15 -3.69 -12.51
C LYS A 438 15.80 -3.17 -12.04
N GLN A 439 15.12 -3.91 -11.15
CA GLN A 439 13.84 -3.45 -10.61
C GLN A 439 13.94 -2.84 -9.20
N ASN A 440 15.17 -2.66 -8.72
CA ASN A 440 15.40 -2.06 -7.40
C ASN A 440 14.69 -2.81 -6.28
N LEU A 441 14.73 -4.13 -6.33
CA LEU A 441 14.02 -4.94 -5.35
C LEU A 441 14.54 -4.69 -3.93
N SER A 442 15.86 -4.68 -3.76
CA SER A 442 16.41 -4.51 -2.43
C SER A 442 15.97 -3.17 -1.84
N GLN A 443 15.93 -2.15 -2.69
CA GLN A 443 15.48 -0.82 -2.26
C GLN A 443 14.01 -0.84 -1.85
N GLU A 444 13.20 -1.58 -2.61
CA GLU A 444 11.77 -1.70 -2.31
C GLU A 444 11.53 -2.42 -0.99
N ILE A 445 12.27 -3.50 -0.76
CA ILE A 445 12.16 -4.19 0.53
C ILE A 445 12.57 -3.27 1.69
N LYS A 446 13.70 -2.60 1.58
CA LYS A 446 14.15 -1.67 2.62
C LYS A 446 13.15 -0.56 2.91
N TYR A 447 12.56 -0.01 1.85
CA TYR A 447 11.58 1.06 2.00
C TYR A 447 10.34 0.56 2.73
N ALA A 448 9.91 -0.65 2.41
CA ALA A 448 8.73 -1.21 3.06
C ALA A 448 9.01 -1.39 4.55
N LEU A 449 10.21 -1.86 4.88
CA LEU A 449 10.56 -2.17 6.27
C LEU A 449 10.68 -0.92 7.13
N LYS A 450 11.04 0.21 6.53
CA LYS A 450 11.22 1.41 7.32
C LYS A 450 9.96 2.25 7.32
N THR A 451 8.95 1.80 6.58
CA THR A 451 7.73 2.55 6.41
C THR A 451 6.57 1.94 7.19
N SER A 452 6.01 2.72 8.09
CA SER A 452 4.83 2.31 8.85
C SER A 452 3.60 2.96 8.23
N TRP A 453 2.62 2.14 7.86
CA TRP A 453 1.38 2.67 7.28
C TRP A 453 0.75 3.77 8.16
N HIS A 454 0.76 3.57 9.47
CA HIS A 454 0.18 4.59 10.34
C HIS A 454 1.03 5.88 10.34
N ALA A 455 2.35 5.73 10.41
CA ALA A 455 3.23 6.88 10.39
C ALA A 455 3.66 7.22 8.97
N SER A 456 2.68 7.50 8.11
CA SER A 456 2.92 7.89 6.72
C SER A 456 2.23 9.21 6.38
N VAL A 457 2.89 10.04 5.56
CA VAL A 457 2.30 11.25 4.99
C VAL A 457 1.67 10.89 3.64
N PRO A 458 0.35 10.88 3.56
CA PRO A 458 -0.36 10.37 2.38
C PRO A 458 0.05 11.01 1.04
N ARG A 459 0.06 12.34 0.97
CA ARG A 459 0.45 13.02 -0.27
C ARG A 459 1.89 12.70 -0.66
N VAL A 460 2.76 12.59 0.33
CA VAL A 460 4.16 12.27 0.11
C VAL A 460 4.33 10.84 -0.41
N GLU A 461 3.58 9.89 0.16
CA GLU A 461 3.67 8.52 -0.30
C GLU A 461 3.22 8.41 -1.77
N ALA A 462 2.18 9.16 -2.14
CA ALA A 462 1.71 9.15 -3.52
C ALA A 462 2.77 9.78 -4.43
N LYS A 463 3.34 10.90 -3.98
CA LYS A 463 4.40 11.55 -4.74
C LYS A 463 5.57 10.59 -4.97
N ARG A 464 5.98 9.88 -3.92
CA ARG A 464 7.11 8.96 -4.03
C ARG A 464 6.78 7.79 -4.96
N TYR A 465 5.54 7.30 -4.91
CA TYR A 465 5.18 6.17 -5.75
C TYR A 465 5.13 6.57 -7.23
N CYS A 466 4.75 7.82 -7.51
CA CYS A 466 4.80 8.30 -8.89
C CYS A 466 6.21 8.22 -9.44
N GLN A 467 7.19 8.19 -8.55
CA GLN A 467 8.59 8.19 -8.98
C GLN A 467 9.16 6.78 -9.07
N VAL A 468 8.38 5.80 -8.64
CA VAL A 468 8.83 4.41 -8.64
C VAL A 468 8.01 3.53 -9.61
N TYR A 469 6.73 3.86 -9.74
CA TYR A 469 5.82 3.10 -10.60
C TYR A 469 6.34 2.98 -12.03
N ARG A 470 6.30 1.77 -12.58
CA ARG A 470 6.82 1.51 -13.92
C ARG A 470 5.72 1.08 -14.90
N PRO A 471 5.47 1.90 -15.92
CA PRO A 471 4.49 1.55 -16.95
C PRO A 471 4.83 0.23 -17.66
N ASP A 472 6.11 -0.12 -17.73
CA ASP A 472 6.49 -1.32 -18.48
C ASP A 472 7.02 -2.42 -17.55
N TYR A 473 6.52 -2.44 -16.31
CA TYR A 473 6.93 -3.43 -15.31
C TYR A 473 6.70 -4.86 -15.80
N ALA A 474 7.72 -5.69 -15.65
CA ALA A 474 7.63 -7.10 -16.02
C ALA A 474 7.61 -8.01 -14.80
N ARG A 475 6.70 -8.97 -14.81
CA ARG A 475 6.54 -9.93 -13.72
C ARG A 475 7.06 -11.31 -14.12
N ILE A 476 7.31 -12.16 -13.12
CA ILE A 476 7.80 -13.51 -13.38
C ILE A 476 6.83 -14.59 -12.87
N ALA A 477 6.51 -15.55 -13.73
CA ALA A 477 5.90 -16.82 -13.32
C ALA A 477 6.59 -17.90 -14.14
N LYS A 478 5.81 -18.77 -14.79
CA LYS A 478 6.44 -19.72 -15.71
C LYS A 478 7.24 -18.98 -16.79
N CYS A 479 6.77 -17.79 -17.17
CA CYS A 479 7.58 -16.97 -18.06
C CYS A 479 7.52 -15.54 -17.58
N VAL A 480 8.28 -14.65 -18.21
CA VAL A 480 8.18 -13.24 -17.92
C VAL A 480 6.92 -12.72 -18.62
N TYR A 481 6.10 -11.96 -17.91
CA TYR A 481 4.85 -11.45 -18.46
C TYR A 481 4.54 -10.05 -17.95
N LYS A 482 3.58 -9.40 -18.60
CA LYS A 482 3.12 -8.07 -18.22
C LYS A 482 1.60 -8.07 -18.14
N LEU A 483 1.07 -7.19 -17.28
CA LEU A 483 -0.35 -6.94 -17.17
C LEU A 483 -0.61 -5.47 -17.52
N PRO A 484 -0.96 -5.19 -18.77
CA PRO A 484 -1.08 -3.80 -19.21
C PRO A 484 -2.19 -2.99 -18.53
N TYR A 485 -3.22 -3.63 -17.99
CA TYR A 485 -4.22 -2.89 -17.21
C TYR A 485 -3.64 -2.37 -15.89
N VAL A 486 -2.57 -3.00 -15.42
CA VAL A 486 -1.98 -2.63 -14.14
C VAL A 486 -0.83 -1.65 -14.36
N ASN A 487 0.01 -1.96 -15.33
CA ASN A 487 1.18 -1.18 -15.64
C ASN A 487 1.06 -0.56 -17.02
N ASN A 488 0.91 0.76 -17.06
CA ASN A 488 0.72 1.46 -18.32
C ASN A 488 1.07 2.92 -18.19
N GLU A 489 1.24 3.61 -19.31
CA GLU A 489 1.65 5.00 -19.26
C GLU A 489 0.58 5.96 -18.76
N LYS A 490 -0.69 5.70 -19.07
CA LYS A 490 -1.76 6.60 -18.64
C LYS A 490 -1.87 6.76 -17.12
N PHE A 491 -1.73 5.65 -16.39
CA PHE A 491 -1.80 5.70 -14.93
C PHE A 491 -0.77 6.71 -14.41
N LEU A 492 0.45 6.59 -14.92
CA LEU A 492 1.54 7.46 -14.46
C LEU A 492 1.33 8.89 -14.91
N GLU A 493 0.88 9.09 -16.14
CA GLU A 493 0.66 10.44 -16.64
C GLU A 493 -0.34 11.15 -15.74
N LEU A 494 -1.42 10.47 -15.38
CA LEU A 494 -2.43 11.09 -14.52
C LEU A 494 -1.89 11.27 -13.10
N GLY A 495 -1.15 10.28 -12.62
CA GLY A 495 -0.57 10.38 -11.28
C GLY A 495 0.25 11.63 -11.09
N LYS A 496 1.15 11.90 -12.03
CA LYS A 496 2.05 13.03 -11.91
C LYS A 496 1.32 14.36 -12.06
N LEU A 497 0.41 14.43 -13.03
CA LEU A 497 -0.35 15.65 -13.30
C LEU A 497 -1.28 15.98 -12.14
N ASP A 498 -2.04 14.97 -11.69
CA ASP A 498 -2.98 15.17 -10.59
C ASP A 498 -2.24 15.67 -9.34
N PHE A 499 -1.11 15.05 -9.03
CA PHE A 499 -0.31 15.51 -7.90
C PHE A 499 0.07 16.99 -8.03
N ASN A 500 0.56 17.35 -9.21
CA ASN A 500 1.02 18.72 -9.44
C ASN A 500 -0.11 19.75 -9.34
N ILE A 501 -1.28 19.37 -9.84
CA ILE A 501 -2.45 20.24 -9.78
C ILE A 501 -2.86 20.47 -8.33
N ILE A 502 -2.99 19.39 -7.59
CA ILE A 502 -3.36 19.51 -6.18
C ILE A 502 -2.35 20.39 -5.46
N GLN A 503 -1.06 20.15 -5.70
CA GLN A 503 -0.02 20.91 -5.03
C GLN A 503 -0.11 22.40 -5.36
N SER A 504 -0.34 22.73 -6.63
CA SER A 504 -0.43 24.13 -7.03
C SER A 504 -1.63 24.80 -6.37
N ILE A 505 -2.73 24.06 -6.21
CA ILE A 505 -3.87 24.60 -5.50
C ILE A 505 -3.49 24.89 -4.04
N HIS A 506 -2.79 23.96 -3.42
CA HIS A 506 -2.34 24.17 -2.04
C HIS A 506 -1.40 25.37 -1.94
N GLN A 507 -0.55 25.56 -2.94
CA GLN A 507 0.35 26.70 -2.89
C GLN A 507 -0.41 28.03 -2.87
N GLU A 508 -1.51 28.11 -3.60
CA GLU A 508 -2.32 29.32 -3.57
C GLU A 508 -2.98 29.51 -2.21
N GLU A 509 -3.40 28.41 -1.60
CA GLU A 509 -3.97 28.46 -0.24
C GLU A 509 -2.93 28.92 0.78
N MET A 510 -1.69 28.47 0.62
CA MET A 510 -0.61 28.87 1.53
C MET A 510 -0.32 30.36 1.45
N LYS A 511 -0.50 30.96 0.28
CA LYS A 511 -0.40 32.40 0.17
C LYS A 511 -1.49 33.07 1.01
N ASN A 512 -2.70 32.54 0.94
CA ASN A 512 -3.81 33.05 1.75
C ASN A 512 -3.54 32.88 3.24
N VAL A 513 -3.03 31.70 3.61
CA VAL A 513 -2.68 31.40 5.01
C VAL A 513 -1.64 32.36 5.55
N THR A 514 -0.56 32.58 4.80
CA THR A 514 0.53 33.41 5.30
C THR A 514 0.10 34.88 5.28
N SER A 515 -0.75 35.25 4.32
CA SER A 515 -1.31 36.59 4.27
CA SER A 515 -1.28 36.60 4.28
C SER A 515 -2.20 36.86 5.48
N TRP A 516 -3.08 35.91 5.79
CA TRP A 516 -3.93 36.04 6.97
C TRP A 516 -3.06 36.13 8.24
N PHE A 517 -2.07 35.26 8.32
CA PHE A 517 -1.27 35.17 9.54
C PHE A 517 -0.58 36.49 9.86
N ARG A 518 -0.01 37.10 8.83
CA ARG A 518 0.70 38.37 8.93
C ARG A 518 -0.14 39.49 9.53
N ASP A 519 -1.42 39.53 9.13
CA ASP A 519 -2.32 40.60 9.57
C ASP A 519 -3.17 40.22 10.77
N SER A 520 -2.96 39.01 11.29
CA SER A 520 -3.83 38.44 12.31
C SER A 520 -3.54 38.94 13.73
N GLY A 521 -2.34 39.45 13.96
CA GLY A 521 -1.91 39.87 15.29
C GLY A 521 -1.10 38.80 16.01
N LEU A 522 -1.21 37.56 15.55
CA LEU A 522 -0.48 36.44 16.15
C LEU A 522 1.04 36.62 16.20
N PRO A 523 1.63 37.22 15.15
CA PRO A 523 3.08 37.49 15.14
C PRO A 523 3.56 38.37 16.29
N LEU A 524 2.65 39.09 16.94
CA LEU A 524 3.01 39.98 18.05
C LEU A 524 3.43 39.20 19.30
N PHE A 525 3.03 37.94 19.36
CA PHE A 525 3.38 37.10 20.50
C PHE A 525 4.75 36.47 20.30
N THR A 526 5.78 37.26 20.54
CA THR A 526 7.14 36.89 20.21
C THR A 526 7.67 35.78 21.12
N PHE A 527 6.93 35.41 22.15
CA PHE A 527 7.31 34.27 22.99
C PHE A 527 6.94 32.94 22.34
N ALA A 528 6.19 33.02 21.24
CA ALA A 528 5.77 31.82 20.53
C ALA A 528 6.37 31.79 19.13
N ARG A 529 6.88 30.62 18.73
CA ARG A 529 7.43 30.48 17.39
C ARG A 529 6.28 30.50 16.38
N GLU A 530 6.51 31.14 15.22
CA GLU A 530 5.52 31.16 14.13
C GLU A 530 5.64 29.89 13.30
N ARG A 531 4.54 29.17 13.13
CA ARG A 531 4.59 27.89 12.40
C ARG A 531 3.41 27.66 11.44
N PRO A 532 2.94 28.72 10.76
CA PRO A 532 1.69 28.55 10.00
C PRO A 532 1.78 27.48 8.92
N LEU A 533 2.91 27.36 8.23
CA LEU A 533 3.02 26.36 7.18
C LEU A 533 3.08 24.94 7.72
N GLU A 534 3.71 24.76 8.88
CA GLU A 534 3.75 23.44 9.51
C GLU A 534 2.35 22.98 9.87
N PHE A 535 1.53 23.92 10.34
CA PHE A 535 0.18 23.57 10.72
C PHE A 535 -0.68 23.34 9.48
N TYR A 536 -0.44 24.13 8.44
CA TYR A 536 -1.16 23.89 7.20
C TYR A 536 -0.81 22.50 6.66
N PHE A 537 0.48 22.16 6.67
CA PHE A 537 0.94 20.84 6.23
C PHE A 537 0.26 19.70 6.99
N LEU A 538 0.10 19.88 8.29
CA LEU A 538 -0.51 18.85 9.14
C LEU A 538 -1.86 18.39 8.60
N VAL A 539 -2.66 19.32 8.10
CA VAL A 539 -3.96 18.92 7.58
C VAL A 539 -3.90 18.67 6.07
N ALA A 540 -3.14 19.49 5.36
CA ALA A 540 -3.16 19.44 3.89
C ALA A 540 -2.48 18.19 3.30
N ALA A 541 -1.55 17.60 4.05
CA ALA A 541 -0.81 16.45 3.56
C ALA A 541 -1.69 15.20 3.55
N GLY A 542 -2.83 15.28 4.23
CA GLY A 542 -3.75 14.17 4.31
C GLY A 542 -5.14 14.47 3.77
N THR A 543 -5.65 15.67 4.06
CA THR A 543 -6.95 16.09 3.53
C THR A 543 -6.65 17.11 2.45
N TYR A 544 -6.47 16.60 1.24
CA TYR A 544 -5.86 17.39 0.16
C TYR A 544 -6.86 17.83 -0.91
N GLU A 545 -8.05 17.24 -0.92
CA GLU A 545 -9.00 17.50 -2.00
C GLU A 545 -9.38 18.99 -2.14
N PRO A 546 -9.54 19.47 -3.37
CA PRO A 546 -9.77 20.89 -3.66
C PRO A 546 -11.00 21.48 -2.97
N GLN A 547 -12.06 20.70 -2.81
CA GLN A 547 -13.28 21.21 -2.20
C GLN A 547 -13.14 21.49 -0.68
N TYR A 548 -12.06 21.02 -0.06
CA TYR A 548 -11.92 21.17 1.41
C TYR A 548 -10.99 22.33 1.81
N ALA A 549 -10.89 23.32 0.94
CA ALA A 549 -10.06 24.51 1.21
C ALA A 549 -10.41 25.18 2.55
N LYS A 550 -11.70 25.34 2.82
CA LYS A 550 -12.14 26.01 4.03
C LYS A 550 -11.73 25.24 5.30
N CYS A 551 -11.92 23.92 5.27
CA CYS A 551 -11.47 23.02 6.33
C CYS A 551 -9.99 23.25 6.63
N ARG A 552 -9.16 23.25 5.60
CA ARG A 552 -7.71 23.42 5.79
C ARG A 552 -7.40 24.79 6.39
N PHE A 553 -8.07 25.82 5.88
CA PHE A 553 -7.84 27.21 6.30
C PHE A 553 -8.17 27.42 7.79
N LEU A 554 -9.37 26.99 8.18
CA LEU A 554 -9.81 27.16 9.56
C LEU A 554 -9.01 26.30 10.54
N PHE A 555 -8.70 25.08 10.14
CA PHE A 555 -7.83 24.20 10.92
C PHE A 555 -6.50 24.90 11.18
N THR A 556 -5.95 25.51 10.14
CA THR A 556 -4.68 26.23 10.27
C THR A 556 -4.79 27.43 11.21
N LYS A 557 -5.85 28.22 11.10
CA LYS A 557 -6.03 29.34 12.04
C LYS A 557 -6.05 28.85 13.50
N VAL A 558 -6.81 27.80 13.74
CA VAL A 558 -6.94 27.30 15.11
C VAL A 558 -5.60 26.78 15.63
N ALA A 559 -4.86 26.06 14.79
CA ALA A 559 -3.55 25.54 15.22
C ALA A 559 -2.55 26.65 15.54
N CYS A 560 -2.57 27.74 14.76
CA CYS A 560 -1.71 28.90 15.03
C CYS A 560 -2.07 29.56 16.35
N LEU A 561 -3.37 29.72 16.58
CA LEU A 561 -3.84 30.27 17.86
C LEU A 561 -3.41 29.38 19.02
N GLN A 562 -3.63 28.07 18.88
CA GLN A 562 -3.34 27.14 19.96
C GLN A 562 -1.87 27.13 20.37
N THR A 563 -0.97 27.28 19.41
CA THR A 563 0.45 27.26 19.77
C THR A 563 0.79 28.48 20.62
N VAL A 564 0.11 29.60 20.40
CA VAL A 564 0.27 30.76 21.29
C VAL A 564 -0.35 30.50 22.66
N LEU A 565 -1.55 29.92 22.68
CA LEU A 565 -2.23 29.67 23.95
C LEU A 565 -1.41 28.68 24.78
N ASP A 566 -0.88 27.67 24.11
CA ASP A 566 -0.05 26.67 24.78
C ASP A 566 1.18 27.28 25.45
N ASP A 567 1.94 28.06 24.68
CA ASP A 567 3.14 28.72 25.23
C ASP A 567 2.77 29.67 26.37
N MET A 568 1.64 30.34 26.23
CA MET A 568 1.15 31.25 27.25
C MET A 568 0.86 30.53 28.58
N TYR A 569 0.13 29.43 28.52
CA TYR A 569 -0.21 28.70 29.73
C TYR A 569 0.93 27.88 30.33
N ASP A 570 1.76 27.27 29.48
CA ASP A 570 2.75 26.34 30.03
C ASP A 570 4.15 26.93 30.14
N THR A 571 4.31 28.21 29.80
CA THR A 571 5.62 28.83 29.82
C THR A 571 5.60 30.31 30.21
N TYR A 572 4.99 31.15 29.37
CA TYR A 572 5.12 32.60 29.50
C TYR A 572 4.28 33.24 30.61
N GLY A 573 3.03 32.82 30.77
CA GLY A 573 2.14 33.46 31.72
C GLY A 573 2.40 33.07 33.17
N THR A 574 2.13 33.99 34.10
CA THR A 574 2.19 33.67 35.51
C THR A 574 0.84 33.11 35.92
N LEU A 575 0.80 32.35 37.00
CA LEU A 575 -0.45 31.77 37.43
C LEU A 575 -1.53 32.84 37.70
N ASP A 576 -1.14 33.96 38.30
CA ASP A 576 -2.11 35.04 38.53
C ASP A 576 -2.65 35.60 37.20
N GLU A 577 -1.75 35.83 36.24
CA GLU A 577 -2.22 36.24 34.91
C GLU A 577 -3.14 35.19 34.30
N LEU A 578 -2.67 33.94 34.30
CA LEU A 578 -3.44 32.85 33.71
C LEU A 578 -4.78 32.62 34.40
N LYS A 579 -4.85 32.90 35.69
CA LYS A 579 -6.14 32.82 36.39
C LYS A 579 -7.13 33.85 35.84
N LEU A 580 -6.66 35.07 35.62
CA LEU A 580 -7.49 36.11 35.02
C LEU A 580 -7.94 35.73 33.61
N PHE A 581 -7.01 35.21 32.82
CA PHE A 581 -7.35 34.84 31.45
C PHE A 581 -8.38 33.71 31.45
N THR A 582 -8.25 32.81 32.41
CA THR A 582 -9.15 31.67 32.45
C THR A 582 -10.54 32.10 32.89
N GLU A 583 -10.62 33.13 33.73
CA GLU A 583 -11.91 33.67 34.10
C GLU A 583 -12.56 34.33 32.87
N ALA A 584 -11.75 35.00 32.05
CA ALA A 584 -12.26 35.64 30.84
C ALA A 584 -12.80 34.59 29.88
N VAL A 585 -12.17 33.43 29.89
CA VAL A 585 -12.58 32.32 29.04
C VAL A 585 -13.99 31.87 29.43
N ARG A 586 -14.26 31.83 30.73
CA ARG A 586 -15.59 31.46 31.23
C ARG A 586 -16.67 32.45 30.84
N ARG A 587 -16.32 33.73 30.75
CA ARG A 587 -17.32 34.78 30.60
C ARG A 587 -17.77 35.08 29.16
N TRP A 588 -16.89 34.80 28.19
CA TRP A 588 -17.19 35.07 26.79
C TRP A 588 -17.66 36.51 26.62
N ASP A 589 -16.87 37.44 27.14
CA ASP A 589 -17.25 38.85 27.20
C ASP A 589 -16.02 39.69 26.86
N LEU A 590 -16.04 40.34 25.70
CA LEU A 590 -14.93 41.17 25.28
C LEU A 590 -14.71 42.33 26.25
N SER A 591 -15.78 42.86 26.83
CA SER A 591 -15.67 43.98 27.77
C SER A 591 -14.91 43.59 29.04
N PHE A 592 -14.89 42.30 29.37
CA PHE A 592 -14.25 41.85 30.61
C PHE A 592 -12.73 41.95 30.54
N THR A 593 -12.20 42.10 29.34
CA THR A 593 -10.75 42.10 29.13
C THR A 593 -10.02 43.34 29.62
N GLU A 594 -10.76 44.38 30.00
CA GLU A 594 -10.14 45.55 30.62
C GLU A 594 -9.29 45.15 31.84
N ASN A 595 -9.61 44.00 32.43
CA ASN A 595 -8.92 43.52 33.61
C ASN A 595 -7.59 42.84 33.28
N LEU A 596 -7.43 42.41 32.05
CA LEU A 596 -6.28 41.59 31.67
C LEU A 596 -5.05 42.42 31.35
N PRO A 597 -3.87 41.80 31.49
CA PRO A 597 -2.62 42.42 31.00
C PRO A 597 -2.72 42.70 29.50
N ASP A 598 -2.06 43.74 29.03
CA ASP A 598 -2.16 44.12 27.60
C ASP A 598 -2.01 42.96 26.62
N TYR A 599 -0.99 42.13 26.80
CA TYR A 599 -0.78 41.06 25.82
C TYR A 599 -1.94 40.07 25.82
N MET A 600 -2.56 39.90 26.98
CA MET A 600 -3.73 39.03 27.11
C MET A 600 -5.00 39.65 26.54
N LYS A 601 -5.09 40.98 26.57
CA LYS A 601 -6.21 41.66 25.95
C LYS A 601 -6.24 41.35 24.47
N LEU A 602 -5.07 41.45 23.84
CA LEU A 602 -4.93 41.13 22.42
C LEU A 602 -5.17 39.65 22.18
N CYS A 603 -4.60 38.80 23.03
CA CYS A 603 -4.72 37.36 22.82
C CYS A 603 -6.18 36.94 22.93
N TYR A 604 -6.89 37.51 23.90
CA TYR A 604 -8.29 37.19 24.07
C TYR A 604 -9.11 37.60 22.84
N GLN A 605 -8.84 38.79 22.30
CA GLN A 605 -9.58 39.29 21.14
CA GLN A 605 -9.58 39.29 21.14
C GLN A 605 -9.40 38.38 19.93
N ILE A 606 -8.17 37.95 19.69
CA ILE A 606 -7.89 37.08 18.55
C ILE A 606 -8.57 35.74 18.75
N TYR A 607 -8.47 35.20 19.97
CA TYR A 607 -9.06 33.92 20.30
C TYR A 607 -10.58 33.97 20.07
N TYR A 608 -11.20 35.04 20.59
CA TYR A 608 -12.64 35.21 20.49
C TYR A 608 -13.05 35.25 19.01
N ASP A 609 -12.34 36.05 18.22
CA ASP A 609 -12.67 36.15 16.79
C ASP A 609 -12.55 34.82 16.05
N ILE A 610 -11.49 34.07 16.32
CA ILE A 610 -11.28 32.80 15.63
C ILE A 610 -12.32 31.75 16.01
N VAL A 611 -12.62 31.65 17.30
CA VAL A 611 -13.65 30.74 17.76
C VAL A 611 -14.96 30.98 17.02
N HIS A 612 -15.37 32.25 16.95
CA HIS A 612 -16.69 32.55 16.37
C HIS A 612 -16.72 32.54 14.85
N GLU A 613 -15.58 32.82 14.21
CA GLU A 613 -15.49 32.60 12.77
C GLU A 613 -15.66 31.11 12.45
N VAL A 614 -14.93 30.27 13.17
CA VAL A 614 -15.06 28.83 12.98
C VAL A 614 -16.50 28.42 13.21
N ALA A 615 -17.07 28.89 14.32
CA ALA A 615 -18.45 28.53 14.65
C ALA A 615 -19.41 28.96 13.55
N TRP A 616 -19.24 30.18 13.04
CA TRP A 616 -20.13 30.67 11.97
C TRP A 616 -20.03 29.76 10.73
N GLU A 617 -18.81 29.42 10.33
CA GLU A 617 -18.62 28.56 9.17
C GLU A 617 -19.21 27.17 9.41
N ALA A 618 -19.03 26.63 10.62
CA ALA A 618 -19.60 25.33 10.96
C ALA A 618 -21.13 25.37 10.90
N GLU A 619 -21.73 26.41 11.45
CA GLU A 619 -23.19 26.53 11.43
C GLU A 619 -23.70 26.65 9.99
N LYS A 620 -22.96 27.37 9.15
CA LYS A 620 -23.32 27.49 7.74
C LYS A 620 -23.30 26.11 7.06
N GLU A 621 -22.23 25.35 7.29
CA GLU A 621 -22.11 24.04 6.67
C GLU A 621 -23.13 23.04 7.21
N GLN A 622 -23.34 23.07 8.52
CA GLN A 622 -24.14 22.04 9.21
C GLN A 622 -25.63 22.35 9.31
N GLY A 623 -26.00 23.61 9.17
CA GLY A 623 -27.40 24.00 9.22
C GLY A 623 -28.01 23.85 10.61
N ARG A 624 -27.19 23.93 11.64
CA ARG A 624 -27.68 23.87 13.00
C ARG A 624 -26.76 24.65 13.94
N GLU A 625 -27.28 25.00 15.11
CA GLU A 625 -26.53 25.79 16.08
C GLU A 625 -25.31 25.01 16.59
N LEU A 626 -24.17 25.67 16.63
CA LEU A 626 -22.93 25.03 17.07
C LEU A 626 -22.06 25.93 17.93
N VAL A 627 -22.46 27.19 18.11
CA VAL A 627 -21.69 28.11 18.94
C VAL A 627 -21.52 27.60 20.37
N SER A 628 -22.61 27.14 20.97
CA SER A 628 -22.54 26.63 22.34
C SER A 628 -21.63 25.41 22.46
N PHE A 629 -21.70 24.51 21.47
CA PHE A 629 -20.86 23.32 21.43
C PHE A 629 -19.38 23.65 21.30
N PHE A 630 -19.04 24.58 20.41
CA PHE A 630 -17.66 25.02 20.29
C PHE A 630 -17.16 25.71 21.55
N ARG A 631 -18.02 26.54 22.14
CA ARG A 631 -17.65 27.28 23.33
C ARG A 631 -17.32 26.32 24.47
N LYS A 632 -18.14 25.28 24.64
CA LYS A 632 -17.91 24.29 25.69
C LYS A 632 -16.58 23.58 25.47
N GLY A 633 -16.32 23.25 24.20
CA GLY A 633 -15.08 22.62 23.79
C GLY A 633 -13.83 23.44 24.11
N TRP A 634 -13.88 24.74 23.82
CA TRP A 634 -12.77 25.65 24.12
C TRP A 634 -12.59 25.84 25.64
N GLU A 635 -13.70 25.91 26.37
CA GLU A 635 -13.62 26.04 27.83
C GLU A 635 -12.93 24.83 28.43
N ASP A 636 -13.36 23.64 28.02
CA ASP A 636 -12.77 22.42 28.55
C ASP A 636 -11.29 22.32 28.27
N TYR A 637 -10.91 22.68 27.04
CA TYR A 637 -9.51 22.73 26.63
C TYR A 637 -8.70 23.67 27.51
N LEU A 638 -9.14 24.92 27.61
CA LEU A 638 -8.35 25.91 28.34
C LEU A 638 -8.39 25.70 29.86
N LEU A 639 -9.47 25.15 30.37
CA LEU A 639 -9.52 24.80 31.79
C LEU A 639 -8.52 23.68 32.06
N GLY A 640 -8.27 22.88 31.03
CA GLY A 640 -7.24 21.84 31.08
C GLY A 640 -5.86 22.47 31.16
N TYR A 641 -5.63 23.49 30.33
CA TYR A 641 -4.39 24.26 30.42
C TYR A 641 -4.21 24.85 31.81
N TYR A 642 -5.29 25.38 32.38
CA TYR A 642 -5.19 26.04 33.67
C TYR A 642 -4.82 25.04 34.77
N GLU A 643 -5.45 23.86 34.73
CA GLU A 643 -5.10 22.82 35.70
C GLU A 643 -3.61 22.54 35.65
N GLU A 644 -3.09 22.45 34.43
CA GLU A 644 -1.67 22.22 34.18
C GLU A 644 -0.84 23.39 34.71
N ALA A 645 -1.35 24.60 34.51
CA ALA A 645 -0.68 25.80 34.99
C ALA A 645 -0.55 25.77 36.51
N GLU A 646 -1.60 25.30 37.18
CA GLU A 646 -1.58 25.14 38.62
C GLU A 646 -0.54 24.12 39.04
N TRP A 647 -0.47 23.02 38.31
CA TRP A 647 0.53 21.99 38.58
C TRP A 647 1.94 22.54 38.48
N LEU A 648 2.18 23.31 37.42
CA LEU A 648 3.50 23.87 37.16
C LEU A 648 3.92 24.79 38.31
N ALA A 649 3.00 25.65 38.74
CA ALA A 649 3.29 26.60 39.80
C ALA A 649 3.59 25.90 41.13
N ALA A 650 3.00 24.72 41.31
CA ALA A 650 3.15 23.99 42.57
C ALA A 650 4.24 22.93 42.49
N GLU A 651 4.87 22.82 41.32
CA GLU A 651 5.86 21.78 41.07
C GLU A 651 5.25 20.41 41.37
N TYR A 652 3.96 20.27 41.06
CA TYR A 652 3.22 19.04 41.28
C TYR A 652 3.43 18.06 40.14
N VAL A 653 3.70 16.81 40.51
CA VAL A 653 3.83 15.73 39.55
C VAL A 653 2.65 14.79 39.66
N PRO A 654 1.80 14.77 38.62
CA PRO A 654 0.57 13.97 38.67
C PRO A 654 0.84 12.48 38.59
N THR A 655 -0.11 11.68 39.06
CA THR A 655 -0.12 10.26 38.74
C THR A 655 -0.24 10.12 37.22
N LEU A 656 0.08 8.95 36.68
CA LEU A 656 -0.06 8.76 35.24
C LEU A 656 -1.52 8.88 34.84
N ASP A 657 -2.42 8.31 35.64
CA ASP A 657 -3.85 8.42 35.39
C ASP A 657 -4.30 9.88 35.31
N GLU A 658 -3.83 10.71 36.25
CA GLU A 658 -4.15 12.15 36.24
C GLU A 658 -3.55 12.83 35.03
N TYR A 659 -2.31 12.47 34.71
CA TYR A 659 -1.60 13.11 33.61
C TYR A 659 -2.32 12.87 32.29
N ILE A 660 -2.78 11.63 32.11
CA ILE A 660 -3.42 11.24 30.86
C ILE A 660 -4.81 11.82 30.75
N LYS A 661 -5.52 11.82 31.88
CA LYS A 661 -6.84 12.42 31.96
C LYS A 661 -6.77 13.89 31.53
N ASN A 662 -5.90 14.66 32.19
CA ASN A 662 -5.68 16.06 31.80
C ASN A 662 -5.19 16.18 30.35
N GLY A 663 -4.21 15.36 30.01
CA GLY A 663 -3.53 15.47 28.73
C GLY A 663 -4.40 15.22 27.52
N ILE A 664 -5.35 14.30 27.63
CA ILE A 664 -6.30 14.05 26.55
C ILE A 664 -7.08 15.32 26.22
N THR A 665 -7.32 16.13 27.24
CA THR A 665 -8.09 17.37 27.05
C THR A 665 -7.20 18.56 26.68
N SER A 666 -6.05 18.67 27.33
CA SER A 666 -5.23 19.86 27.14
C SER A 666 -4.30 19.76 25.94
N ILE A 667 -4.14 18.57 25.35
CA ILE A 667 -3.25 18.43 24.20
C ILE A 667 -3.77 19.29 23.03
N GLY A 668 -5.09 19.52 23.01
CA GLY A 668 -5.67 20.49 22.10
C GLY A 668 -6.16 19.91 20.79
N GLN A 669 -5.90 18.63 20.57
CA GLN A 669 -6.25 17.98 19.32
C GLN A 669 -7.76 17.93 19.12
N ARG A 670 -8.52 17.75 20.20
CA ARG A 670 -9.96 17.60 20.01
C ARG A 670 -10.59 18.84 19.39
N ILE A 671 -10.36 20.00 19.98
CA ILE A 671 -11.01 21.22 19.49
C ILE A 671 -10.45 21.63 18.14
N LEU A 672 -9.19 21.29 17.89
CA LEU A 672 -8.58 21.56 16.58
C LEU A 672 -9.26 20.72 15.47
N LEU A 673 -9.38 19.43 15.72
CA LEU A 673 -10.02 18.51 14.79
C LEU A 673 -11.47 18.91 14.52
N LEU A 674 -12.18 19.31 15.57
CA LEU A 674 -13.56 19.79 15.42
C LEU A 674 -13.66 21.02 14.53
N SER A 675 -12.64 21.89 14.61
CA SER A 675 -12.63 23.14 13.85
C SER A 675 -12.37 22.90 12.35
N GLY A 676 -11.98 21.69 12.00
CA GLY A 676 -11.85 21.35 10.59
C GLY A 676 -12.96 20.42 10.11
N VAL A 677 -13.27 19.42 10.93
CA VAL A 677 -14.16 18.34 10.52
C VAL A 677 -15.61 18.76 10.32
N LEU A 678 -16.03 19.82 11.02
CA LEU A 678 -17.40 20.31 10.90
C LEU A 678 -17.60 21.28 9.74
N ILE A 679 -16.52 21.57 9.03
CA ILE A 679 -16.57 22.54 7.94
C ILE A 679 -16.00 21.94 6.66
N MET A 680 -16.38 20.70 6.40
CA MET A 680 -15.98 20.06 5.16
C MET A 680 -17.11 20.12 4.15
N ASP A 681 -16.80 20.69 3.00
CA ASP A 681 -17.80 20.95 1.99
C ASP A 681 -18.64 19.70 1.70
N GLY A 682 -19.94 19.82 1.95
CA GLY A 682 -20.89 18.77 1.61
C GLY A 682 -21.00 17.63 2.60
N GLN A 683 -20.30 17.74 3.73
CA GLN A 683 -20.24 16.62 4.66
C GLN A 683 -21.04 16.91 5.92
N LEU A 684 -22.24 16.37 5.98
CA LEU A 684 -23.18 16.68 7.06
C LEU A 684 -23.03 15.77 8.28
N LEU A 685 -22.83 16.39 9.44
CA LEU A 685 -22.70 15.67 10.70
C LEU A 685 -23.78 16.09 11.68
N SER A 686 -24.77 15.24 11.87
CA SER A 686 -25.75 15.45 12.93
C SER A 686 -25.05 15.31 14.27
N GLN A 687 -25.73 15.74 15.33
CA GLN A 687 -25.21 15.53 16.68
C GLN A 687 -24.94 14.03 16.89
N GLU A 688 -25.89 13.21 16.47
CA GLU A 688 -25.79 11.77 16.63
C GLU A 688 -24.56 11.22 15.90
N ALA A 689 -24.37 11.66 14.65
CA ALA A 689 -23.21 11.21 13.87
C ALA A 689 -21.91 11.69 14.50
N LEU A 690 -21.89 12.96 14.92
CA LEU A 690 -20.69 13.55 15.51
C LEU A 690 -20.27 12.79 16.77
N GLU A 691 -21.23 12.43 17.61
CA GLU A 691 -20.92 11.70 18.84
C GLU A 691 -20.27 10.34 18.59
N LYS A 692 -20.39 9.82 17.38
CA LYS A 692 -19.75 8.56 17.03
C LYS A 692 -18.25 8.72 16.84
N VAL A 693 -17.81 9.94 16.53
CA VAL A 693 -16.39 10.21 16.31
C VAL A 693 -15.80 11.18 17.32
N ASP A 694 -16.66 11.79 18.13
CA ASP A 694 -16.20 12.77 19.09
C ASP A 694 -17.07 12.71 20.36
N TYR A 695 -16.45 12.32 21.47
CA TYR A 695 -17.18 12.15 22.73
C TYR A 695 -16.20 12.03 23.89
N PRO A 696 -15.90 13.15 24.56
CA PRO A 696 -14.93 13.08 25.66
C PRO A 696 -15.29 11.96 26.63
N GLY A 697 -14.29 11.17 27.01
CA GLY A 697 -14.49 10.08 27.94
C GLY A 697 -14.72 8.74 27.27
N ARG A 698 -14.85 8.75 25.95
CA ARG A 698 -15.04 7.52 25.17
C ARG A 698 -13.96 7.35 24.13
N ARG A 699 -13.62 6.11 23.81
CA ARG A 699 -12.55 5.83 22.86
C ARG A 699 -13.00 5.93 21.41
N VAL A 700 -13.46 7.13 21.04
CA VAL A 700 -13.81 7.44 19.66
C VAL A 700 -12.65 8.19 18.98
N LEU A 701 -12.79 8.47 17.69
CA LEU A 701 -11.69 9.03 16.90
C LEU A 701 -10.97 10.23 17.54
N THR A 702 -11.70 11.26 17.94
CA THR A 702 -11.03 12.44 18.47
C THR A 702 -10.33 12.15 19.79
N GLU A 703 -10.85 11.21 20.56
CA GLU A 703 -10.30 10.92 21.88
C GLU A 703 -9.01 10.10 21.71
N LEU A 704 -9.04 9.17 20.76
CA LEU A 704 -7.89 8.32 20.48
C LEU A 704 -6.76 9.15 19.86
N ASN A 705 -7.13 10.06 18.98
CA ASN A 705 -6.14 10.95 18.39
C ASN A 705 -5.47 11.77 19.49
N SER A 706 -6.27 12.25 20.44
CA SER A 706 -5.74 13.06 21.54
C SER A 706 -4.75 12.26 22.38
N LEU A 707 -5.14 11.04 22.72
CA LEU A 707 -4.30 10.15 23.53
C LEU A 707 -3.01 9.80 22.79
N ILE A 708 -3.14 9.44 21.52
CA ILE A 708 -1.99 9.08 20.72
C ILE A 708 -1.05 10.27 20.58
N SER A 709 -1.61 11.45 20.35
CA SER A 709 -0.80 12.64 20.19
C SER A 709 -0.03 12.94 21.46
N ARG A 710 -0.73 12.91 22.59
CA ARG A 710 -0.08 13.19 23.88
C ARG A 710 1.06 12.22 24.15
N LEU A 711 0.79 10.93 24.00
CA LEU A 711 1.79 9.92 24.36
C LEU A 711 2.90 9.80 23.30
N ALA A 712 2.53 9.92 22.04
CA ALA A 712 3.55 9.86 20.99
C ALA A 712 4.49 11.03 21.15
N ASP A 713 3.92 12.20 21.44
CA ASP A 713 4.71 13.39 21.72
C ASP A 713 5.70 13.08 22.85
N ASP A 714 5.19 12.54 23.95
CA ASP A 714 6.04 12.22 25.10
C ASP A 714 7.18 11.27 24.74
N THR A 715 6.88 10.23 23.96
CA THR A 715 7.88 9.22 23.61
C THR A 715 8.99 9.82 22.75
N LYS A 716 8.63 10.81 21.95
CA LYS A 716 9.56 11.46 21.02
C LYS A 716 10.38 12.52 21.72
N THR A 717 9.79 13.15 22.74
CA THR A 717 10.43 14.26 23.45
C THR A 717 10.70 13.85 24.91
N TYR A 718 10.18 14.58 25.88
CA TYR A 718 10.33 14.18 27.30
C TYR A 718 11.78 14.10 27.79
N LYS A 719 12.69 13.63 26.94
CA LYS A 719 14.09 13.57 27.31
C LYS A 719 14.78 14.89 26.94
N ALA A 720 14.14 15.67 26.07
CA ALA A 720 14.67 16.97 25.69
C ALA A 720 14.06 18.09 26.53
N LEU A 727 7.13 20.94 33.72
CA LEU A 727 6.04 19.98 33.65
C LEU A 727 6.54 18.57 33.32
N ALA A 728 6.21 17.61 34.17
CA ALA A 728 6.58 16.22 33.93
C ALA A 728 5.85 15.65 32.72
N SER A 729 6.45 14.62 32.12
CA SER A 729 5.84 13.88 31.04
C SER A 729 5.26 12.58 31.57
N SER A 730 4.60 11.82 30.69
CA SER A 730 4.02 10.55 31.07
C SER A 730 5.08 9.60 31.64
N ILE A 731 6.27 9.63 31.05
CA ILE A 731 7.37 8.78 31.54
C ILE A 731 7.65 9.11 33.00
N GLU A 732 7.89 10.38 33.27
CA GLU A 732 8.26 10.80 34.61
C GLU A 732 7.15 10.48 35.61
N CYS A 733 5.90 10.58 35.15
CA CYS A 733 4.76 10.34 36.02
C CYS A 733 4.67 8.87 36.43
N TYR A 734 4.84 7.99 35.47
CA TYR A 734 4.84 6.55 35.71
C TYR A 734 5.91 6.19 36.74
N MET A 735 7.06 6.84 36.64
CA MET A 735 8.18 6.53 37.53
C MET A 735 7.95 7.03 38.95
N LYS A 736 7.10 8.04 39.12
CA LYS A 736 6.72 8.46 40.46
C LYS A 736 5.73 7.43 41.02
N ASP A 737 4.88 6.90 40.14
CA ASP A 737 3.95 5.84 40.48
C ASP A 737 4.68 4.53 40.81
N HIS A 738 5.83 4.32 40.19
CA HIS A 738 6.59 3.08 40.39
C HIS A 738 8.08 3.35 40.61
N PRO A 739 8.41 3.86 41.81
CA PRO A 739 9.71 4.36 42.25
C PRO A 739 10.86 3.41 41.93
N GLU A 740 10.55 2.11 41.85
CA GLU A 740 11.55 1.09 41.63
C GLU A 740 11.85 0.87 40.16
N CYS A 741 10.85 1.11 39.31
CA CYS A 741 10.98 0.86 37.87
C CYS A 741 12.02 1.76 37.23
N THR A 742 12.59 1.26 36.13
CA THR A 742 13.56 2.04 35.35
C THR A 742 12.85 2.91 34.32
N GLU A 743 13.58 3.92 33.85
CA GLU A 743 13.14 4.74 32.73
C GLU A 743 12.78 3.85 31.55
N GLU A 744 13.58 2.82 31.32
CA GLU A 744 13.33 1.90 30.22
C GLU A 744 11.97 1.23 30.37
N GLU A 745 11.68 0.71 31.56
CA GLU A 745 10.38 0.11 31.83
C GLU A 745 9.27 1.14 31.63
N ALA A 746 9.52 2.37 32.08
CA ALA A 746 8.53 3.44 31.94
C ALA A 746 8.18 3.72 30.49
N LEU A 747 9.19 3.79 29.63
CA LEU A 747 8.97 4.08 28.23
C LEU A 747 8.21 2.94 27.56
N ASP A 748 8.51 1.72 27.99
CA ASP A 748 7.84 0.53 27.47
C ASP A 748 6.38 0.53 27.86
N HIS A 749 6.09 1.03 29.06
CA HIS A 749 4.70 1.08 29.50
C HIS A 749 3.89 2.08 28.67
N ILE A 750 4.48 3.23 28.39
CA ILE A 750 3.80 4.21 27.55
C ILE A 750 3.45 3.60 26.18
N TYR A 751 4.40 2.88 25.59
CA TYR A 751 4.17 2.21 24.33
C TYR A 751 3.08 1.13 24.41
N SER A 752 2.99 0.47 25.56
CA SER A 752 1.95 -0.53 25.80
C SER A 752 0.57 0.10 25.82
N ILE A 753 0.50 1.41 26.02
CA ILE A 753 -0.76 2.15 25.95
C ILE A 753 -1.01 2.61 24.52
N LEU A 754 0.05 3.04 23.84
CA LEU A 754 -0.02 3.59 22.49
C LEU A 754 -0.48 2.53 21.49
N GLU A 755 0.14 1.36 21.54
CA GLU A 755 -0.11 0.33 20.53
C GLU A 755 -1.58 -0.12 20.44
N PRO A 756 -2.21 -0.42 21.58
CA PRO A 756 -3.64 -0.73 21.58
C PRO A 756 -4.48 0.42 21.02
N ALA A 757 -4.14 1.65 21.40
CA ALA A 757 -4.85 2.84 20.95
C ALA A 757 -4.83 2.97 19.41
N VAL A 758 -3.68 2.67 18.82
CA VAL A 758 -3.51 2.75 17.37
C VAL A 758 -4.39 1.74 16.65
N LYS A 759 -4.50 0.54 17.22
CA LYS A 759 -5.37 -0.47 16.64
C LYS A 759 -6.84 -0.05 16.71
N GLU A 760 -7.25 0.49 17.85
CA GLU A 760 -8.61 1.01 18.01
C GLU A 760 -8.91 2.14 17.04
N LEU A 761 -7.93 3.01 16.82
CA LEU A 761 -8.08 4.12 15.90
C LEU A 761 -8.34 3.60 14.49
N THR A 762 -7.61 2.56 14.13
CA THR A 762 -7.74 1.96 12.80
C THR A 762 -9.13 1.36 12.61
N ARG A 763 -9.60 0.65 13.63
CA ARG A 763 -10.94 0.07 13.59
C ARG A 763 -12.02 1.16 13.52
N GLU A 764 -11.89 2.19 14.34
CA GLU A 764 -12.87 3.30 14.36
C GLU A 764 -12.94 3.97 13.00
N PHE A 765 -11.78 4.12 12.37
CA PHE A 765 -11.69 4.72 11.05
C PHE A 765 -12.39 3.84 9.99
N LEU A 766 -12.01 2.57 9.92
CA LEU A 766 -12.47 1.69 8.85
C LEU A 766 -13.85 1.08 9.08
N LYS A 767 -14.29 1.06 10.32
CA LYS A 767 -15.59 0.50 10.70
C LYS A 767 -16.72 0.99 9.81
N PRO A 768 -17.57 0.06 9.33
CA PRO A 768 -18.75 0.46 8.58
C PRO A 768 -19.78 1.14 9.48
N ASP A 769 -20.25 2.31 9.08
CA ASP A 769 -21.24 3.07 9.84
C ASP A 769 -21.83 4.16 8.94
N ASP A 770 -22.68 5.01 9.49
CA ASP A 770 -23.33 6.05 8.70
C ASP A 770 -22.69 7.43 8.90
N VAL A 771 -21.45 7.45 9.35
CA VAL A 771 -20.71 8.71 9.46
C VAL A 771 -20.07 8.98 8.11
N PRO A 772 -20.27 10.19 7.56
CA PRO A 772 -19.64 10.56 6.29
C PRO A 772 -18.17 10.17 6.30
N PHE A 773 -17.75 9.38 5.33
CA PHE A 773 -16.42 8.81 5.38
C PHE A 773 -15.32 9.86 5.30
N ALA A 774 -15.59 10.94 4.57
CA ALA A 774 -14.61 12.01 4.41
C ALA A 774 -14.24 12.61 5.76
N CYS A 775 -15.20 12.66 6.68
CA CYS A 775 -14.94 13.20 8.01
C CYS A 775 -14.05 12.27 8.83
N LYS A 776 -14.33 10.97 8.78
CA LYS A 776 -13.54 9.99 9.52
C LYS A 776 -12.13 10.00 8.97
N LYS A 777 -12.01 10.09 7.66
CA LYS A 777 -10.71 10.07 7.01
C LYS A 777 -9.89 11.30 7.38
N MET A 778 -10.54 12.47 7.46
CA MET A 778 -9.85 13.68 7.85
C MET A 778 -9.27 13.53 9.27
N LEU A 779 -10.06 12.96 10.18
CA LEU A 779 -9.61 12.76 11.57
C LEU A 779 -8.44 11.78 11.61
N PHE A 780 -8.59 10.67 10.90
CA PHE A 780 -7.56 9.64 10.82
C PHE A 780 -6.27 10.12 10.18
N GLU A 781 -6.39 10.84 9.06
CA GLU A 781 -5.21 11.31 8.33
C GLU A 781 -4.44 12.36 9.11
N GLU A 782 -5.14 13.17 9.90
CA GLU A 782 -4.44 14.13 10.76
C GLU A 782 -3.63 13.36 11.80
N THR A 783 -4.18 12.25 12.29
CA THR A 783 -3.46 11.40 13.22
C THR A 783 -2.22 10.79 12.57
N ARG A 784 -2.35 10.33 11.32
CA ARG A 784 -1.21 9.71 10.63
C ARG A 784 -0.05 10.70 10.47
N VAL A 785 -0.37 11.93 10.11
CA VAL A 785 0.66 12.94 9.94
C VAL A 785 1.29 13.28 11.29
N THR A 786 0.47 13.35 12.34
CA THR A 786 1.00 13.54 13.69
C THR A 786 1.98 12.43 14.04
N MET A 787 1.61 11.20 13.70
CA MET A 787 2.44 10.06 14.03
C MET A 787 3.75 10.07 13.24
N VAL A 788 3.75 10.69 12.08
CA VAL A 788 4.98 10.86 11.32
C VAL A 788 5.92 11.79 12.08
N ILE A 789 5.38 12.91 12.55
CA ILE A 789 6.18 13.89 13.27
C ILE A 789 6.83 13.31 14.52
N PHE A 790 6.14 12.39 15.19
CA PHE A 790 6.64 11.83 16.44
C PHE A 790 7.17 10.39 16.34
N LYS A 791 7.42 9.90 15.13
CA LYS A 791 7.87 8.51 14.96
C LYS A 791 9.29 8.24 15.49
N ASP A 792 9.54 6.98 15.83
CA ASP A 792 10.81 6.56 16.43
C ASP A 792 11.08 7.33 17.72
N GLY A 793 10.17 7.20 18.68
CA GLY A 793 10.27 7.95 19.92
C GLY A 793 11.39 7.48 20.82
N ASP A 794 12.52 8.19 20.78
CA ASP A 794 13.64 7.89 21.65
C ASP A 794 13.77 8.91 22.78
N GLY A 795 12.99 9.98 22.71
CA GLY A 795 13.02 11.01 23.73
C GLY A 795 13.86 12.22 23.39
N PHE A 796 14.67 12.11 22.34
CA PHE A 796 15.65 13.15 22.02
C PHE A 796 15.06 14.39 21.35
N GLY A 797 13.77 14.35 21.03
CA GLY A 797 13.09 15.49 20.45
C GLY A 797 12.79 15.34 18.97
N VAL A 798 11.94 16.24 18.46
CA VAL A 798 11.57 16.27 17.05
C VAL A 798 12.63 16.96 16.20
N SER A 799 12.90 16.41 15.02
CA SER A 799 13.84 17.01 14.08
C SER A 799 13.17 18.09 13.26
N LYS A 800 13.61 19.34 13.43
CA LYS A 800 13.05 20.46 12.70
C LYS A 800 13.36 20.36 11.21
N LEU A 801 14.53 19.83 10.88
CA LEU A 801 14.94 19.66 9.49
C LEU A 801 14.07 18.64 8.77
N GLU A 802 13.67 17.59 9.49
CA GLU A 802 12.77 16.60 8.91
C GLU A 802 11.40 17.21 8.64
N VAL A 803 10.95 18.07 9.56
CA VAL A 803 9.68 18.75 9.41
C VAL A 803 9.69 19.59 8.14
N LYS A 804 10.71 20.44 7.99
CA LYS A 804 10.84 21.29 6.81
C LYS A 804 11.00 20.47 5.53
N ASP A 805 11.72 19.35 5.61
CA ASP A 805 11.90 18.47 4.45
C ASP A 805 10.58 17.91 3.97
N HIS A 806 9.70 17.55 4.91
CA HIS A 806 8.40 17.03 4.55
C HIS A 806 7.55 18.09 3.86
N ILE A 807 7.62 19.31 4.37
CA ILE A 807 6.91 20.43 3.75
C ILE A 807 7.42 20.71 2.35
N LYS A 808 8.75 20.74 2.20
CA LYS A 808 9.37 20.89 0.88
C LYS A 808 8.85 19.84 -0.11
N GLU A 809 8.86 18.58 0.31
CA GLU A 809 8.51 17.47 -0.57
C GLU A 809 7.02 17.50 -0.94
N CYS A 810 6.20 17.82 0.05
CA CYS A 810 4.76 17.72 -0.09
C CYS A 810 4.18 18.95 -0.79
N LEU A 811 4.62 20.13 -0.39
CA LEU A 811 3.95 21.38 -0.75
C LEU A 811 4.73 22.32 -1.68
N ILE A 812 6.05 22.17 -1.74
CA ILE A 812 6.85 23.18 -2.43
C ILE A 812 7.35 22.71 -3.79
N GLU A 813 7.92 21.50 -3.85
CA GLU A 813 8.58 21.05 -5.07
C GLU A 813 7.65 20.16 -5.92
N PRO A 814 7.37 20.59 -7.16
CA PRO A 814 6.50 19.79 -8.03
C PRO A 814 7.22 18.57 -8.59
N LEU A 815 6.45 17.64 -9.13
CA LEU A 815 7.01 16.52 -9.87
C LEU A 815 7.37 16.96 -11.28
N PRO A 816 8.55 16.56 -11.77
CA PRO A 816 8.90 16.81 -13.17
C PRO A 816 7.97 16.00 -14.06
N LEU A 817 7.49 16.59 -15.15
CA LEU A 817 6.59 15.88 -16.06
C LEU A 817 7.33 15.40 -17.32
CL CL B . 10.70 -3.44 -15.23
MG MG C . 4.06 23.66 25.15
MG MG D . 6.30 19.38 25.00
MG MG E . 1.58 22.78 26.82
C2 AHD F . 1.95 21.29 22.72
C3 AHD F . 1.25 21.52 21.39
C7 AHD F . 2.90 20.12 22.58
C8 AHD F . 4.03 20.18 23.60
O12 AHD F . 6.57 21.09 23.94
P9 AHD F . 5.29 21.42 23.10
O10 AHD F . 4.82 22.86 23.50
O11 AHD F . 5.64 21.37 21.66
P14 AHD F . 3.44 20.47 25.32
O15 AHD F . 3.05 21.98 25.59
O16 AHD F . 4.66 20.10 26.20
O17 AHD F . 2.27 19.62 25.66
O13 AHD F . 4.64 18.94 23.63
N4 AHD F . -0.01 20.82 21.37
C1 GOL G . 6.77 -1.08 -10.47
O1 GOL G . 5.54 -0.47 -10.81
C2 GOL G . 7.07 -0.94 -8.97
O2 GOL G . 5.87 -1.05 -8.24
C3 GOL G . 8.03 -2.03 -8.52
O3 GOL G . 9.31 -1.80 -9.07
#